data_2F86
#
_entry.id   2F86
#
_cell.length_a   70.870
_cell.length_b   186.934
_cell.length_c   182.934
_cell.angle_alpha   90.00
_cell.angle_beta   90.00
_cell.angle_gamma   90.00
#
_symmetry.space_group_name_H-M   'C 2 2 21'
#
loop_
_entity.id
_entity.type
_entity.pdbx_description
1 polymer 'Hypothetical protein K11E8.1d'
2 water water
#
_entity_poly.entity_id   1
_entity_poly.type   'polypeptide(L)'
_entity_poly.pdbx_seq_one_letter_code
;IDDNDSEKAQKQDIVRVTQTLLDAISCKDFETYTRLCDTSMTCFEPEALGNLIEGIEFHRFYFDGNRKNQVHTTMLNPNV
HIIGEDAACVAYVKLTQFLDRNGEAHTRQSQESRVWSKKQGRWVCVHVHRSTQPSTNTTVSEF
;
_entity_poly.pdbx_strand_id   B,D,F,H,J,L,N
#
# COMPACT_ATOMS: atom_id res chain seq x y z
N ASN A 4 -52.66 -12.53 -29.25
CA ASN A 4 -51.39 -13.17 -28.78
C ASN A 4 -50.26 -12.90 -29.76
N ASP A 5 -50.41 -13.42 -30.99
CA ASP A 5 -49.40 -13.24 -32.04
C ASP A 5 -49.11 -11.76 -32.25
N SER A 6 -50.10 -10.92 -31.96
CA SER A 6 -49.97 -9.47 -32.07
C SER A 6 -49.14 -9.04 -30.85
N GLU A 7 -49.42 -9.68 -29.72
CA GLU A 7 -48.70 -9.40 -28.48
C GLU A 7 -47.28 -9.95 -28.57
N LYS A 8 -47.13 -11.07 -29.29
CA LYS A 8 -45.83 -11.69 -29.48
C LYS A 8 -44.98 -10.81 -30.39
N ALA A 9 -45.66 -10.13 -31.31
CA ALA A 9 -44.98 -9.24 -32.24
C ALA A 9 -44.58 -7.98 -31.49
N GLN A 10 -45.49 -7.46 -30.66
CA GLN A 10 -45.18 -6.25 -29.90
C GLN A 10 -44.03 -6.54 -28.93
N LYS A 11 -44.00 -7.74 -28.33
CA LYS A 11 -42.92 -8.08 -27.41
C LYS A 11 -41.57 -8.07 -28.12
N GLN A 12 -41.53 -8.60 -29.33
CA GLN A 12 -40.30 -8.63 -30.12
C GLN A 12 -39.86 -7.21 -30.39
N ASP A 13 -40.82 -6.40 -30.86
CA ASP A 13 -40.54 -5.00 -31.18
C ASP A 13 -39.82 -4.27 -30.05
N ILE A 14 -40.16 -4.62 -28.82
CA ILE A 14 -39.55 -3.99 -27.67
C ILE A 14 -38.15 -4.56 -27.47
N VAL A 15 -38.00 -5.86 -27.73
CA VAL A 15 -36.69 -6.45 -27.59
C VAL A 15 -35.74 -5.75 -28.56
N ARG A 16 -36.22 -5.55 -29.80
CA ARG A 16 -35.43 -4.90 -30.85
C ARG A 16 -35.04 -3.47 -30.50
N VAL A 17 -36.03 -2.62 -30.25
CA VAL A 17 -35.73 -1.25 -29.92
C VAL A 17 -34.72 -1.17 -28.77
N THR A 18 -35.01 -1.80 -27.63
CA THR A 18 -34.09 -1.73 -26.51
C THR A 18 -32.71 -2.20 -26.93
N GLN A 19 -32.67 -3.22 -27.77
CA GLN A 19 -31.39 -3.75 -28.26
C GLN A 19 -30.71 -2.63 -29.02
N THR A 20 -31.50 -1.94 -29.84
CA THR A 20 -30.98 -0.82 -30.60
C THR A 20 -30.45 0.18 -29.61
N LEU A 21 -31.22 0.45 -28.58
CA LEU A 21 -30.81 1.42 -27.57
C LEU A 21 -29.49 1.07 -26.86
N LEU A 22 -29.27 -0.21 -26.57
CA LEU A 22 -28.02 -0.61 -25.93
C LEU A 22 -26.81 -0.47 -26.87
N ASP A 23 -27.00 -0.80 -28.15
CA ASP A 23 -25.90 -0.69 -29.11
C ASP A 23 -25.49 0.76 -29.28
N ALA A 24 -26.44 1.67 -29.11
CA ALA A 24 -26.16 3.08 -29.23
C ALA A 24 -25.30 3.49 -28.03
N ILE A 25 -25.66 3.00 -26.86
CA ILE A 25 -24.91 3.32 -25.66
C ILE A 25 -23.50 2.75 -25.77
N SER A 26 -23.38 1.58 -26.38
CA SER A 26 -22.08 0.92 -26.52
C SER A 26 -21.09 1.75 -27.34
N CYS A 27 -21.52 2.21 -28.50
CA CYS A 27 -20.64 2.99 -29.37
C CYS A 27 -20.77 4.50 -29.19
N LYS A 28 -21.48 4.91 -28.14
CA LYS A 28 -21.69 6.31 -27.80
C LYS A 28 -22.36 7.13 -28.90
N ASP A 29 -23.44 6.59 -29.44
CA ASP A 29 -24.23 7.25 -30.47
C ASP A 29 -25.33 8.06 -29.78
N PHE A 30 -25.04 9.32 -29.48
CA PHE A 30 -25.99 10.18 -28.79
C PHE A 30 -27.22 10.52 -29.61
N GLU A 31 -27.09 10.54 -30.93
CA GLU A 31 -28.22 10.83 -31.78
C GLU A 31 -29.30 9.80 -31.61
N THR A 32 -28.94 8.53 -31.80
CA THR A 32 -29.89 7.43 -31.65
C THR A 32 -30.42 7.43 -30.22
N TYR A 33 -29.52 7.58 -29.26
CA TYR A 33 -29.87 7.62 -27.85
C TYR A 33 -30.96 8.63 -27.52
N THR A 34 -30.87 9.83 -28.09
CA THR A 34 -31.87 10.86 -27.81
C THR A 34 -33.10 10.59 -28.64
N ARG A 35 -32.95 9.79 -29.69
CA ARG A 35 -34.09 9.47 -30.55
C ARG A 35 -35.01 8.47 -29.86
N LEU A 36 -34.41 7.53 -29.12
CA LEU A 36 -35.17 6.50 -28.42
C LEU A 36 -35.54 6.91 -26.99
N CYS A 37 -34.78 7.84 -26.42
CA CYS A 37 -35.04 8.30 -25.06
C CYS A 37 -35.85 9.59 -25.05
N ASP A 38 -37.12 9.49 -24.67
CA ASP A 38 -37.99 10.67 -24.57
C ASP A 38 -37.36 11.73 -23.69
N THR A 39 -37.86 12.97 -23.81
CA THR A 39 -37.33 14.07 -23.02
C THR A 39 -37.57 13.87 -21.54
N SER A 40 -38.80 13.48 -21.20
CA SER A 40 -39.20 13.29 -19.82
C SER A 40 -38.63 12.05 -19.15
N MET A 41 -37.73 11.36 -19.85
CA MET A 41 -37.18 10.13 -19.29
C MET A 41 -36.53 10.25 -17.93
N THR A 42 -36.97 9.38 -17.02
CA THR A 42 -36.46 9.33 -15.67
C THR A 42 -35.42 8.21 -15.52
N CYS A 43 -34.50 8.36 -14.57
CA CYS A 43 -33.46 7.38 -14.39
C CYS A 43 -33.00 7.10 -12.97
N PHE A 44 -32.81 5.82 -12.68
CA PHE A 44 -32.32 5.32 -11.43
C PHE A 44 -31.13 4.49 -11.83
N GLU A 45 -29.91 4.95 -11.59
CA GLU A 45 -28.73 4.18 -11.99
C GLU A 45 -27.53 4.38 -11.09
N PRO A 46 -26.63 3.39 -11.06
CA PRO A 46 -25.43 3.48 -10.22
C PRO A 46 -24.69 4.83 -10.30
N GLU A 47 -24.58 5.40 -11.50
CA GLU A 47 -23.88 6.69 -11.67
C GLU A 47 -24.61 7.86 -11.02
N ALA A 48 -25.92 7.73 -10.83
CA ALA A 48 -26.72 8.79 -10.22
C ALA A 48 -26.71 8.73 -8.69
N LEU A 49 -26.06 7.70 -8.15
CA LEU A 49 -25.96 7.53 -6.70
C LEU A 49 -27.29 7.59 -5.95
N GLY A 50 -28.25 6.75 -6.33
CA GLY A 50 -29.51 6.76 -5.61
C GLY A 50 -30.36 7.99 -5.84
N ASN A 51 -29.91 8.89 -6.70
CA ASN A 51 -30.68 10.10 -7.01
C ASN A 51 -31.44 9.88 -8.30
N LEU A 52 -32.73 10.18 -8.29
CA LEU A 52 -33.54 10.03 -9.50
C LEU A 52 -33.17 11.15 -10.48
N ILE A 53 -32.74 10.75 -11.67
CA ILE A 53 -32.30 11.70 -12.70
C ILE A 53 -33.39 12.03 -13.73
N GLU A 54 -33.38 13.23 -14.28
CA GLU A 54 -34.38 13.63 -15.28
C GLU A 54 -33.76 14.15 -16.58
N GLY A 55 -34.48 13.97 -17.68
CA GLY A 55 -33.99 14.43 -18.96
C GLY A 55 -32.73 13.75 -19.47
N ILE A 56 -32.41 14.01 -20.73
CA ILE A 56 -31.24 13.43 -21.40
C ILE A 56 -29.92 14.10 -21.00
N GLU A 57 -30.01 15.22 -20.28
CA GLU A 57 -28.83 15.97 -19.86
C GLU A 57 -27.75 15.18 -19.10
N PHE A 58 -28.05 14.78 -17.87
CA PHE A 58 -27.10 14.05 -17.06
C PHE A 58 -26.33 12.96 -17.83
N HIS A 59 -26.99 12.35 -18.81
CA HIS A 59 -26.39 11.29 -19.61
C HIS A 59 -25.34 11.72 -20.65
N ARG A 60 -25.48 12.93 -21.18
CA ARG A 60 -24.56 13.43 -22.20
C ARG A 60 -23.09 13.25 -21.83
N PHE A 61 -22.79 13.23 -20.54
CA PHE A 61 -21.43 13.09 -20.04
C PHE A 61 -20.73 11.79 -20.40
N TYR A 62 -21.51 10.76 -20.71
CA TYR A 62 -20.94 9.45 -21.03
C TYR A 62 -20.77 9.19 -22.52
N PHE A 63 -21.27 10.10 -23.34
CA PHE A 63 -21.16 9.95 -24.77
C PHE A 63 -20.01 10.77 -25.33
N ASP A 64 -19.04 11.09 -24.49
CA ASP A 64 -17.88 11.84 -24.93
C ASP A 64 -16.65 11.01 -24.68
N GLY A 65 -15.86 10.65 -25.66
CA GLY A 65 -14.81 9.72 -25.24
C GLY A 65 -14.31 8.79 -26.35
N ASN A 66 -13.79 7.62 -26.05
CA ASN A 66 -13.27 6.82 -27.14
C ASN A 66 -14.31 6.41 -28.18
N ARG A 67 -15.47 5.90 -27.84
CA ARG A 67 -16.39 5.54 -28.90
C ARG A 67 -16.47 4.03 -29.10
N LYS A 68 -16.09 3.16 -28.14
CA LYS A 68 -16.19 1.69 -28.35
C LYS A 68 -15.79 0.95 -27.07
N ASN A 69 -14.45 0.79 -26.96
CA ASN A 69 -13.67 0.24 -25.84
C ASN A 69 -13.31 -1.25 -25.84
N GLN A 70 -13.76 -2.02 -26.84
CA GLN A 70 -13.42 -3.46 -26.93
C GLN A 70 -14.22 -4.28 -25.90
N VAL A 71 -15.40 -3.76 -25.56
CA VAL A 71 -16.29 -4.40 -24.59
C VAL A 71 -17.62 -4.84 -25.27
N HIS A 72 -17.98 -6.11 -25.07
CA HIS A 72 -19.21 -6.65 -25.65
C HIS A 72 -20.35 -6.63 -24.64
N THR A 73 -21.56 -6.32 -25.11
CA THR A 73 -22.74 -6.24 -24.25
C THR A 73 -23.90 -7.14 -24.74
N THR A 74 -24.36 -8.02 -23.85
CA THR A 74 -25.42 -8.96 -24.15
C THR A 74 -26.70 -8.73 -23.33
N MET A 75 -27.85 -9.08 -23.92
CA MET A 75 -29.13 -8.92 -23.25
C MET A 75 -29.75 -10.29 -22.93
N LEU A 76 -29.52 -10.78 -21.71
CA LEU A 76 -30.04 -12.06 -21.29
C LEU A 76 -31.53 -12.07 -21.05
N ASN A 77 -32.14 -13.18 -21.44
CA ASN A 77 -33.56 -13.46 -21.27
C ASN A 77 -34.48 -12.28 -21.02
N PRO A 78 -34.66 -11.44 -22.04
CA PRO A 78 -35.53 -10.28 -21.89
C PRO A 78 -36.93 -10.75 -21.51
N ASN A 79 -37.52 -10.15 -20.48
CA ASN A 79 -38.87 -10.47 -20.07
C ASN A 79 -39.66 -9.19 -20.30
N VAL A 80 -40.65 -9.26 -21.19
CA VAL A 80 -41.45 -8.09 -21.52
C VAL A 80 -42.92 -8.20 -21.17
N HIS A 81 -43.44 -7.12 -20.58
CA HIS A 81 -44.84 -7.02 -20.20
C HIS A 81 -45.52 -6.04 -21.17
N ILE A 82 -46.61 -6.48 -21.79
CA ILE A 82 -47.34 -5.60 -22.71
C ILE A 82 -48.55 -5.00 -22.00
N ILE A 83 -48.63 -3.68 -22.01
CA ILE A 83 -49.74 -2.95 -21.40
C ILE A 83 -50.39 -2.07 -22.46
N GLY A 84 -51.45 -2.56 -23.11
CA GLY A 84 -52.08 -1.78 -24.16
C GLY A 84 -51.26 -1.89 -25.43
N GLU A 85 -51.55 -1.05 -26.43
CA GLU A 85 -50.79 -1.13 -27.66
C GLU A 85 -49.75 -0.02 -27.73
N ASP A 86 -49.70 0.83 -26.71
CA ASP A 86 -48.75 1.93 -26.74
C ASP A 86 -47.87 2.05 -25.50
N ALA A 87 -47.87 1.02 -24.68
CA ALA A 87 -47.05 1.03 -23.46
C ALA A 87 -46.52 -0.38 -23.21
N ALA A 88 -45.30 -0.45 -22.69
CA ALA A 88 -44.66 -1.73 -22.41
C ALA A 88 -43.49 -1.53 -21.45
N CYS A 89 -42.98 -2.61 -20.91
CA CYS A 89 -41.83 -2.54 -20.03
C CYS A 89 -41.08 -3.84 -20.20
N VAL A 90 -39.76 -3.76 -20.08
CA VAL A 90 -38.90 -4.92 -20.22
C VAL A 90 -37.82 -4.96 -19.18
N ALA A 91 -37.49 -6.16 -18.71
CA ALA A 91 -36.44 -6.33 -17.71
C ALA A 91 -35.47 -7.39 -18.23
N TYR A 92 -34.19 -7.21 -17.92
CA TYR A 92 -33.19 -8.14 -18.39
C TYR A 92 -31.85 -8.02 -17.68
N VAL A 93 -31.14 -9.13 -17.65
CA VAL A 93 -29.81 -9.10 -17.07
C VAL A 93 -28.91 -8.61 -18.18
N LYS A 94 -27.98 -7.70 -17.90
CA LYS A 94 -27.12 -7.19 -18.97
C LYS A 94 -25.67 -7.55 -18.77
N LEU A 95 -25.14 -8.44 -19.59
CA LEU A 95 -23.75 -8.85 -19.51
C LEU A 95 -22.84 -8.05 -20.43
N THR A 96 -21.71 -7.61 -19.88
CA THR A 96 -20.74 -6.84 -20.62
C THR A 96 -19.38 -7.47 -20.40
N GLN A 97 -18.66 -7.72 -21.49
CA GLN A 97 -17.34 -8.32 -21.42
C GLN A 97 -16.33 -7.24 -21.83
N PHE A 98 -15.30 -7.04 -21.00
CA PHE A 98 -14.29 -6.02 -21.31
C PHE A 98 -12.85 -6.48 -21.07
N LEU A 99 -11.95 -5.98 -21.92
CA LEU A 99 -10.52 -6.29 -21.82
C LEU A 99 -9.84 -5.11 -21.13
N ASP A 100 -9.12 -5.41 -20.06
CA ASP A 100 -8.43 -4.39 -19.29
C ASP A 100 -7.09 -3.93 -19.86
N ARG A 101 -6.28 -3.35 -18.97
CA ARG A 101 -4.96 -2.85 -19.31
C ARG A 101 -4.02 -3.97 -19.73
N ASN A 102 -3.96 -5.01 -18.92
CA ASN A 102 -3.08 -6.14 -19.15
C ASN A 102 -3.63 -7.20 -20.11
N GLY A 103 -4.42 -6.76 -21.09
CA GLY A 103 -4.99 -7.70 -22.04
C GLY A 103 -5.72 -8.85 -21.37
N GLU A 104 -6.57 -8.51 -20.41
CA GLU A 104 -7.32 -9.51 -19.68
C GLU A 104 -8.81 -9.26 -19.88
N ALA A 105 -9.56 -10.35 -20.03
CA ALA A 105 -11.00 -10.25 -20.24
C ALA A 105 -11.74 -10.38 -18.92
N HIS A 106 -12.79 -9.56 -18.77
CA HIS A 106 -13.61 -9.57 -17.57
C HIS A 106 -15.06 -9.38 -17.95
N THR A 107 -15.93 -9.75 -17.02
CA THR A 107 -17.36 -9.63 -17.25
C THR A 107 -18.04 -8.84 -16.15
N ARG A 108 -18.84 -7.87 -16.59
CA ARG A 108 -19.59 -6.99 -15.72
C ARG A 108 -21.04 -7.43 -15.93
N GLN A 109 -21.86 -7.30 -14.90
CA GLN A 109 -23.26 -7.66 -14.97
C GLN A 109 -24.07 -6.53 -14.37
N SER A 110 -25.34 -6.43 -14.74
CA SER A 110 -26.20 -5.41 -14.15
C SER A 110 -27.63 -5.78 -14.44
N GLN A 111 -28.52 -5.34 -13.56
CA GLN A 111 -29.93 -5.61 -13.73
C GLN A 111 -30.58 -4.34 -14.30
N GLU A 112 -31.30 -4.50 -15.40
CA GLU A 112 -31.93 -3.37 -16.06
C GLU A 112 -33.41 -3.55 -16.36
N SER A 113 -34.18 -2.47 -16.16
CA SER A 113 -35.61 -2.44 -16.45
C SER A 113 -35.86 -1.18 -17.26
N ARG A 114 -36.71 -1.26 -18.25
CA ARG A 114 -37.01 -0.09 -19.08
C ARG A 114 -38.50 0.01 -19.38
N VAL A 115 -38.99 1.25 -19.43
CA VAL A 115 -40.39 1.50 -19.68
C VAL A 115 -40.54 2.23 -21.00
N TRP A 116 -41.32 1.63 -21.89
CA TRP A 116 -41.53 2.17 -23.23
C TRP A 116 -42.93 2.71 -23.55
N SER A 117 -42.94 3.78 -24.36
CA SER A 117 -44.18 4.43 -24.78
C SER A 117 -44.15 4.72 -26.27
N LYS A 118 -45.16 4.22 -26.98
CA LYS A 118 -45.26 4.46 -28.42
C LYS A 118 -45.89 5.84 -28.65
N LYS A 119 -45.07 6.87 -28.49
CA LYS A 119 -45.51 8.25 -28.65
C LYS A 119 -45.51 8.68 -30.11
N GLN A 120 -46.70 8.76 -30.70
CA GLN A 120 -46.83 9.18 -32.09
C GLN A 120 -46.04 8.28 -33.04
N GLY A 121 -46.37 6.99 -33.05
CA GLY A 121 -45.70 6.06 -33.94
C GLY A 121 -44.56 5.22 -33.42
N ARG A 122 -43.41 5.86 -33.17
CA ARG A 122 -42.24 5.15 -32.69
C ARG A 122 -42.25 4.92 -31.17
N TRP A 123 -41.48 3.94 -30.74
CA TRP A 123 -41.36 3.63 -29.31
C TRP A 123 -40.28 4.51 -28.70
N VAL A 124 -40.50 4.97 -27.46
CA VAL A 124 -39.52 5.79 -26.74
C VAL A 124 -39.47 5.43 -25.25
N CYS A 125 -38.26 5.42 -24.69
CA CYS A 125 -38.06 5.08 -23.29
C CYS A 125 -38.34 6.28 -22.40
N VAL A 126 -39.23 6.09 -21.43
CA VAL A 126 -39.61 7.17 -20.51
C VAL A 126 -39.07 6.93 -19.12
N HIS A 127 -38.47 5.77 -18.90
CA HIS A 127 -37.91 5.44 -17.59
C HIS A 127 -36.97 4.24 -17.61
N VAL A 128 -35.86 4.38 -16.90
CA VAL A 128 -34.90 3.29 -16.81
C VAL A 128 -34.34 3.16 -15.40
N HIS A 129 -34.22 1.91 -14.96
CA HIS A 129 -33.71 1.58 -13.62
C HIS A 129 -32.57 0.54 -13.75
N ARG A 130 -31.38 0.92 -13.32
CA ARG A 130 -30.23 0.02 -13.42
C ARG A 130 -29.68 -0.25 -12.04
N SER A 131 -29.21 -1.47 -11.77
CA SER A 131 -28.67 -1.74 -10.44
C SER A 131 -27.54 -2.75 -10.33
N THR A 132 -26.87 -2.68 -9.17
CA THR A 132 -25.73 -3.51 -8.77
C THR A 132 -24.51 -3.14 -9.59
N ASN B 4 -50.99 32.48 -6.71
CA ASN B 4 -49.84 31.53 -6.64
C ASN B 4 -48.93 31.65 -7.85
N ASP B 5 -49.50 31.91 -9.03
CA ASP B 5 -48.68 32.06 -10.23
C ASP B 5 -47.59 33.08 -9.99
N SER B 6 -47.78 33.91 -8.97
CA SER B 6 -46.81 34.92 -8.61
C SER B 6 -45.71 34.25 -7.79
N GLU B 7 -46.11 33.33 -6.92
CA GLU B 7 -45.18 32.60 -6.07
C GLU B 7 -44.44 31.55 -6.89
N LYS B 8 -45.18 30.91 -7.81
CA LYS B 8 -44.62 29.89 -8.69
C LYS B 8 -43.58 30.49 -9.64
N ALA B 9 -43.74 31.78 -9.94
CA ALA B 9 -42.81 32.48 -10.82
C ALA B 9 -41.68 33.02 -9.97
N GLN B 10 -41.96 33.24 -8.69
CA GLN B 10 -40.95 33.74 -7.77
C GLN B 10 -40.03 32.58 -7.42
N LYS B 11 -40.62 31.39 -7.30
CA LYS B 11 -39.85 30.21 -7.01
C LYS B 11 -39.01 29.87 -8.23
N GLN B 12 -39.34 30.47 -9.37
CA GLN B 12 -38.58 30.23 -10.60
C GLN B 12 -37.32 31.09 -10.63
N ASP B 13 -37.40 32.29 -10.05
CA ASP B 13 -36.26 33.18 -10.01
C ASP B 13 -35.18 32.68 -9.07
N ILE B 14 -35.60 32.09 -7.96
CA ILE B 14 -34.66 31.56 -6.98
C ILE B 14 -33.85 30.45 -7.64
N VAL B 15 -34.52 29.66 -8.48
CA VAL B 15 -33.87 28.57 -9.19
C VAL B 15 -32.99 29.08 -10.31
N ARG B 16 -33.34 30.23 -10.89
CA ARG B 16 -32.54 30.80 -11.95
C ARG B 16 -31.24 31.40 -11.38
N VAL B 17 -31.34 32.22 -10.33
CA VAL B 17 -30.14 32.79 -9.72
C VAL B 17 -29.23 31.71 -9.14
N THR B 18 -29.82 30.74 -8.45
CA THR B 18 -29.06 29.67 -7.86
C THR B 18 -28.34 28.90 -8.97
N GLN B 19 -29.01 28.75 -10.10
CA GLN B 19 -28.39 28.05 -11.21
C GLN B 19 -27.22 28.89 -11.73
N THR B 20 -27.41 30.20 -11.79
CA THR B 20 -26.34 31.06 -12.27
C THR B 20 -25.14 31.04 -11.32
N LEU B 21 -25.43 31.03 -10.03
CA LEU B 21 -24.38 31.00 -9.03
C LEU B 21 -23.58 29.71 -9.20
N LEU B 22 -24.26 28.61 -9.51
CA LEU B 22 -23.59 27.34 -9.68
C LEU B 22 -22.70 27.28 -10.91
N ASP B 23 -23.03 28.04 -11.95
CA ASP B 23 -22.19 28.04 -13.16
C ASP B 23 -20.96 28.88 -12.86
N ALA B 24 -21.19 30.00 -12.19
CA ALA B 24 -20.09 30.90 -11.84
C ALA B 24 -19.04 30.12 -11.09
N ILE B 25 -19.50 29.26 -10.17
CA ILE B 25 -18.60 28.42 -9.36
C ILE B 25 -17.91 27.38 -10.26
N SER B 26 -18.66 26.84 -11.21
CA SER B 26 -18.14 25.83 -12.14
C SER B 26 -17.00 26.34 -13.00
N CYS B 27 -17.17 27.50 -13.60
CA CYS B 27 -16.13 28.06 -14.45
C CYS B 27 -15.25 29.04 -13.68
N LYS B 28 -15.36 29.02 -12.35
CA LYS B 28 -14.59 29.91 -11.48
C LYS B 28 -14.68 31.37 -11.91
N ASP B 29 -15.90 31.83 -12.12
CA ASP B 29 -16.15 33.22 -12.50
C ASP B 29 -16.45 33.98 -11.22
N PHE B 30 -15.41 34.57 -10.63
CA PHE B 30 -15.60 35.26 -9.35
C PHE B 30 -16.42 36.53 -9.34
N GLU B 31 -16.27 37.40 -10.35
CA GLU B 31 -17.08 38.60 -10.34
C GLU B 31 -18.56 38.28 -10.28
N THR B 32 -18.99 37.25 -11.01
CA THR B 32 -20.40 36.88 -10.94
C THR B 32 -20.68 36.38 -9.53
N TYR B 33 -19.78 35.53 -9.02
CA TYR B 33 -19.94 35.01 -7.68
C TYR B 33 -20.18 36.13 -6.69
N THR B 34 -19.30 37.12 -6.66
CA THR B 34 -19.45 38.20 -5.67
C THR B 34 -20.64 39.12 -5.95
N ARG B 35 -21.14 39.07 -7.16
CA ARG B 35 -22.30 39.88 -7.54
C ARG B 35 -23.56 39.15 -7.05
N LEU B 36 -23.40 37.91 -6.63
CA LEU B 36 -24.53 37.10 -6.17
C LEU B 36 -24.49 36.72 -4.68
N CYS B 37 -23.30 36.80 -4.07
CA CYS B 37 -23.18 36.48 -2.66
C CYS B 37 -22.96 37.77 -1.83
N ASP B 38 -23.81 37.98 -0.83
CA ASP B 38 -23.71 39.14 0.04
C ASP B 38 -22.28 39.26 0.57
N THR B 39 -21.91 40.45 1.05
CA THR B 39 -20.56 40.62 1.57
C THR B 39 -20.48 39.96 2.94
N SER B 40 -21.64 39.75 3.54
CA SER B 40 -21.72 39.14 4.85
C SER B 40 -22.33 37.75 4.80
N MET B 41 -22.20 37.07 3.66
CA MET B 41 -22.74 35.72 3.51
C MET B 41 -22.11 34.75 4.52
N THR B 42 -22.96 33.96 5.18
CA THR B 42 -22.50 32.97 6.15
C THR B 42 -22.31 31.64 5.43
N CYS B 43 -21.52 30.73 6.01
CA CYS B 43 -21.32 29.44 5.32
C CYS B 43 -20.75 28.26 6.13
N PHE B 44 -21.46 27.14 6.06
CA PHE B 44 -21.06 25.85 6.64
C PHE B 44 -20.75 24.99 5.44
N GLU B 45 -19.52 24.51 5.30
CA GLU B 45 -19.17 23.64 4.19
C GLU B 45 -17.94 22.81 4.51
N PRO B 46 -17.79 21.67 3.83
CA PRO B 46 -16.67 20.76 4.04
C PRO B 46 -15.30 21.46 4.17
N GLU B 47 -15.04 22.39 3.25
CA GLU B 47 -13.77 23.12 3.22
C GLU B 47 -13.56 23.98 4.45
N ALA B 48 -14.58 24.09 5.30
CA ALA B 48 -14.47 24.90 6.52
C ALA B 48 -14.57 24.08 7.80
N LEU B 49 -14.36 22.77 7.67
CA LEU B 49 -14.38 21.82 8.78
C LEU B 49 -15.21 22.19 10.00
N GLY B 50 -16.52 21.99 9.94
CA GLY B 50 -17.36 22.29 11.08
C GLY B 50 -17.41 23.76 11.50
N ASN B 51 -16.48 24.56 10.99
CA ASN B 51 -16.46 25.98 11.31
C ASN B 51 -17.38 26.78 10.40
N LEU B 52 -17.95 27.85 10.96
CA LEU B 52 -18.83 28.73 10.22
C LEU B 52 -18.03 29.89 9.70
N ILE B 53 -18.08 30.11 8.39
CA ILE B 53 -17.35 31.18 7.75
C ILE B 53 -18.24 32.40 7.49
N GLU B 54 -17.64 33.58 7.50
CA GLU B 54 -18.34 34.84 7.23
C GLU B 54 -17.56 35.52 6.12
N GLY B 55 -18.24 36.26 5.27
CA GLY B 55 -17.55 36.96 4.18
C GLY B 55 -17.37 36.17 2.89
N ILE B 56 -16.79 36.83 1.90
CA ILE B 56 -16.56 36.23 0.59
C ILE B 56 -15.11 35.77 0.43
N GLU B 57 -14.22 36.45 1.13
CA GLU B 57 -12.78 36.20 1.10
C GLU B 57 -12.32 34.75 1.21
N PHE B 58 -12.94 33.98 2.09
CA PHE B 58 -12.55 32.59 2.24
C PHE B 58 -12.67 31.85 0.92
N HIS B 59 -13.83 32.01 0.28
CA HIS B 59 -14.12 31.35 -0.99
C HIS B 59 -13.17 31.72 -2.13
N ARG B 60 -12.65 32.95 -2.15
CA ARG B 60 -11.75 33.39 -3.23
C ARG B 60 -10.58 32.46 -3.46
N PHE B 61 -10.17 31.75 -2.42
CA PHE B 61 -9.07 30.81 -2.53
C PHE B 61 -9.32 29.84 -3.70
N TYR B 62 -10.57 29.43 -3.87
CA TYR B 62 -10.92 28.42 -4.89
C TYR B 62 -11.20 28.94 -6.29
N PHE B 63 -10.97 30.22 -6.53
CA PHE B 63 -11.19 30.77 -7.86
C PHE B 63 -9.87 31.02 -8.60
N ASP B 64 -8.78 30.53 -8.03
CA ASP B 64 -7.47 30.69 -8.65
C ASP B 64 -7.17 29.48 -9.54
N GLY B 65 -6.97 29.70 -10.86
CA GLY B 65 -6.57 28.58 -11.68
C GLY B 65 -7.41 28.22 -12.90
N ASN B 66 -7.33 26.91 -13.17
CA ASN B 66 -7.95 26.19 -14.30
C ASN B 66 -9.47 26.20 -14.36
N ARG B 67 -10.01 27.29 -14.94
CA ARG B 67 -11.45 27.45 -15.13
C ARG B 67 -12.27 26.15 -15.01
N LYS B 68 -12.58 25.52 -16.15
CA LYS B 68 -13.35 24.28 -16.15
C LYS B 68 -12.48 23.03 -16.24
N ASN B 69 -12.42 22.29 -15.14
CA ASN B 69 -11.63 21.07 -15.04
C ASN B 69 -12.24 19.86 -15.72
N GLN B 70 -13.12 20.10 -16.70
CA GLN B 70 -13.81 19.01 -17.43
C GLN B 70 -14.83 18.33 -16.50
N VAL B 71 -15.49 19.14 -15.69
CA VAL B 71 -16.48 18.67 -14.73
C VAL B 71 -17.87 19.26 -14.96
N HIS B 72 -18.90 18.42 -14.81
CA HIS B 72 -20.27 18.85 -15.01
C HIS B 72 -21.13 18.64 -13.76
N THR B 73 -21.61 19.73 -13.16
CA THR B 73 -22.46 19.62 -11.96
C THR B 73 -23.91 19.84 -12.37
N THR B 74 -24.81 19.13 -11.71
CA THR B 74 -26.23 19.21 -12.00
C THR B 74 -27.03 19.50 -10.73
N MET B 75 -27.97 20.43 -10.83
CA MET B 75 -28.82 20.77 -9.68
C MET B 75 -30.13 19.96 -9.79
N LEU B 76 -30.34 19.00 -8.90
CA LEU B 76 -31.56 18.20 -8.95
C LEU B 76 -32.70 18.87 -8.19
N ASN B 77 -33.93 18.45 -8.50
CA ASN B 77 -35.16 18.94 -7.88
C ASN B 77 -35.07 20.04 -6.82
N PRO B 78 -34.75 21.27 -7.24
CA PRO B 78 -34.64 22.36 -6.27
C PRO B 78 -35.97 22.49 -5.54
N ASN B 79 -35.91 22.76 -4.24
CA ASN B 79 -37.13 22.96 -3.47
C ASN B 79 -37.03 24.36 -2.91
N VAL B 80 -37.97 25.22 -3.28
CA VAL B 80 -37.94 26.61 -2.82
C VAL B 80 -39.01 26.93 -1.77
N HIS B 81 -38.61 27.72 -0.78
CA HIS B 81 -39.52 28.19 0.27
C HIS B 81 -39.48 29.71 0.16
N ILE B 82 -40.65 30.31 -0.02
CA ILE B 82 -40.73 31.77 -0.11
C ILE B 82 -41.06 32.23 1.30
N ILE B 83 -40.29 33.18 1.83
CA ILE B 83 -40.55 33.69 3.16
C ILE B 83 -40.76 35.19 3.09
N GLY B 84 -41.75 35.69 3.81
CA GLY B 84 -42.01 37.11 3.80
C GLY B 84 -41.80 37.75 2.44
N GLU B 85 -41.30 38.97 2.45
CA GLU B 85 -41.06 39.73 1.22
C GLU B 85 -39.57 39.85 0.95
N ASP B 86 -39.17 39.56 -0.28
CA ASP B 86 -37.76 39.65 -0.66
C ASP B 86 -36.91 38.67 0.14
N ALA B 87 -37.49 37.50 0.45
CA ALA B 87 -36.77 36.48 1.20
C ALA B 87 -37.19 35.10 0.75
N ALA B 88 -36.24 34.18 0.69
CA ALA B 88 -36.53 32.83 0.25
C ALA B 88 -35.32 31.94 0.47
N CYS B 89 -35.52 30.63 0.45
CA CYS B 89 -34.44 29.68 0.62
C CYS B 89 -34.68 28.54 -0.37
N VAL B 90 -33.61 27.83 -0.72
CA VAL B 90 -33.74 26.74 -1.65
C VAL B 90 -32.86 25.56 -1.23
N ALA B 91 -33.39 24.35 -1.38
CA ALA B 91 -32.64 23.16 -1.02
C ALA B 91 -32.59 22.24 -2.21
N TYR B 92 -31.46 21.60 -2.42
CA TYR B 92 -31.33 20.73 -3.57
C TYR B 92 -30.10 19.85 -3.49
N VAL B 93 -30.12 18.79 -4.27
CA VAL B 93 -28.99 17.88 -4.33
C VAL B 93 -28.17 18.35 -5.51
N LYS B 94 -26.86 18.39 -5.34
CA LYS B 94 -25.97 18.84 -6.42
C LYS B 94 -25.04 17.72 -6.85
N LEU B 95 -25.29 17.20 -8.04
CA LEU B 95 -24.45 16.13 -8.57
C LEU B 95 -23.32 16.69 -9.40
N THR B 96 -22.14 16.08 -9.27
CA THR B 96 -21.00 16.52 -10.04
C THR B 96 -20.27 15.32 -10.67
N GLN B 97 -20.31 15.25 -11.99
CA GLN B 97 -19.66 14.18 -12.73
C GLN B 97 -18.29 14.70 -13.18
N PHE B 98 -17.25 13.91 -12.93
CA PHE B 98 -15.92 14.36 -13.31
C PHE B 98 -15.02 13.24 -13.83
N LEU B 99 -14.08 13.62 -14.69
CA LEU B 99 -13.11 12.70 -15.25
C LEU B 99 -11.81 12.92 -14.52
N ASP B 100 -11.27 11.85 -13.95
CA ASP B 100 -10.02 11.92 -13.22
C ASP B 100 -8.83 11.50 -14.09
N ARG B 101 -8.12 10.51 -13.59
CA ARG B 101 -6.96 9.95 -14.27
C ARG B 101 -7.42 8.58 -14.74
N ASN B 102 -6.70 8.00 -15.70
CA ASN B 102 -7.06 6.69 -16.24
C ASN B 102 -8.33 6.80 -17.11
N GLY B 103 -8.85 8.02 -17.21
CA GLY B 103 -10.04 8.29 -18.02
C GLY B 103 -11.36 7.84 -17.46
N GLU B 104 -11.39 7.59 -16.16
CA GLU B 104 -12.60 7.12 -15.49
C GLU B 104 -13.58 8.24 -15.21
N ALA B 105 -14.85 7.89 -15.16
CA ALA B 105 -15.90 8.86 -14.89
C ALA B 105 -16.49 8.56 -13.53
N HIS B 106 -16.66 9.60 -12.72
CA HIS B 106 -17.22 9.45 -11.38
C HIS B 106 -18.26 10.52 -11.10
N THR B 107 -19.00 10.31 -10.03
CA THR B 107 -20.04 11.23 -9.63
C THR B 107 -19.89 11.62 -8.17
N ARG B 108 -20.08 12.91 -7.90
CA ARG B 108 -19.96 13.43 -6.56
C ARG B 108 -21.29 14.02 -6.16
N GLN B 109 -21.73 13.73 -4.93
CA GLN B 109 -23.01 14.24 -4.46
C GLN B 109 -22.90 15.13 -3.23
N SER B 110 -23.75 16.15 -3.16
CA SER B 110 -23.76 17.01 -1.99
C SER B 110 -25.16 17.58 -1.85
N GLN B 111 -25.51 17.93 -0.62
CA GLN B 111 -26.82 18.49 -0.33
C GLN B 111 -26.57 19.95 0.01
N GLU B 112 -27.22 20.86 -0.70
CA GLU B 112 -26.98 22.27 -0.42
C GLU B 112 -28.22 23.06 -0.07
N SER B 113 -28.05 24.02 0.81
CA SER B 113 -29.12 24.89 1.25
C SER B 113 -28.63 26.31 1.08
N ARG B 114 -29.42 27.17 0.44
CA ARG B 114 -29.05 28.58 0.28
C ARG B 114 -30.23 29.48 0.65
N VAL B 115 -29.93 30.64 1.22
CA VAL B 115 -30.95 31.59 1.63
C VAL B 115 -30.74 32.88 0.85
N TRP B 116 -31.77 33.32 0.14
CA TRP B 116 -31.70 34.54 -0.66
C TRP B 116 -32.55 35.71 -0.13
N SER B 117 -31.93 36.88 -0.09
CA SER B 117 -32.55 38.10 0.36
C SER B 117 -32.59 39.01 -0.86
N LYS B 118 -33.74 39.62 -1.13
CA LYS B 118 -33.85 40.50 -2.28
C LYS B 118 -33.53 41.92 -1.83
N LYS B 119 -32.24 42.17 -1.62
CA LYS B 119 -31.75 43.48 -1.18
C LYS B 119 -31.63 44.48 -2.32
N GLN B 120 -32.43 45.53 -2.27
CA GLN B 120 -32.40 46.54 -3.31
C GLN B 120 -32.58 45.94 -4.69
N GLY B 121 -33.61 45.12 -4.83
CA GLY B 121 -33.91 44.53 -6.12
C GLY B 121 -33.32 43.19 -6.46
N ARG B 122 -32.00 43.09 -6.47
CA ARG B 122 -31.35 41.85 -6.81
C ARG B 122 -31.30 40.87 -5.64
N TRP B 123 -31.62 39.61 -5.96
CA TRP B 123 -31.58 38.55 -4.97
C TRP B 123 -30.10 38.30 -4.72
N VAL B 124 -29.73 38.08 -3.47
CA VAL B 124 -28.34 37.78 -3.16
C VAL B 124 -28.31 36.75 -2.04
N CYS B 125 -27.36 35.84 -2.12
CA CYS B 125 -27.23 34.78 -1.14
C CYS B 125 -26.55 35.29 0.12
N VAL B 126 -27.20 35.08 1.27
CA VAL B 126 -26.66 35.53 2.55
C VAL B 126 -26.20 34.36 3.39
N HIS B 127 -26.70 33.18 3.05
CA HIS B 127 -26.33 31.99 3.79
C HIS B 127 -26.33 30.72 2.96
N VAL B 128 -25.29 29.91 3.16
CA VAL B 128 -25.17 28.67 2.44
C VAL B 128 -24.62 27.58 3.36
N HIS B 129 -25.21 26.40 3.23
CA HIS B 129 -24.82 25.22 4.00
C HIS B 129 -24.68 24.09 3.00
N ARG B 130 -23.53 23.45 3.01
CA ARG B 130 -23.24 22.35 2.10
C ARG B 130 -22.76 21.21 2.95
N SER B 131 -23.21 19.99 2.66
CA SER B 131 -22.77 18.83 3.42
C SER B 131 -22.47 17.59 2.58
N THR B 132 -21.86 16.62 3.26
CA THR B 132 -21.43 15.32 2.72
C THR B 132 -20.59 15.40 1.46
N ASN C 4 -17.96 50.86 29.01
CA ASN C 4 -17.87 49.64 28.15
C ASN C 4 -17.59 50.03 26.70
N ASP C 5 -17.32 51.32 26.50
CA ASP C 5 -17.01 51.85 25.17
C ASP C 5 -15.48 51.90 25.01
N SER C 6 -14.80 52.04 26.14
CA SER C 6 -13.34 52.08 26.13
C SER C 6 -12.85 50.65 26.33
N GLU C 7 -13.81 49.74 26.50
CA GLU C 7 -13.52 48.32 26.68
C GLU C 7 -13.71 47.64 25.33
N LYS C 8 -14.84 47.96 24.69
CA LYS C 8 -15.19 47.45 23.38
C LYS C 8 -14.13 47.86 22.37
N ALA C 9 -13.55 49.03 22.58
CA ALA C 9 -12.51 49.56 21.70
C ALA C 9 -11.17 48.91 22.02
N GLN C 10 -10.98 48.57 23.30
CA GLN C 10 -9.76 47.95 23.76
C GLN C 10 -9.65 46.55 23.14
N LYS C 11 -10.77 45.86 23.07
CA LYS C 11 -10.83 44.53 22.48
C LYS C 11 -10.35 44.64 21.05
N GLN C 12 -10.94 45.59 20.32
CA GLN C 12 -10.56 45.81 18.93
C GLN C 12 -9.04 45.97 18.80
N ASP C 13 -8.43 46.69 19.73
CA ASP C 13 -6.97 46.87 19.70
C ASP C 13 -6.29 45.52 19.68
N ILE C 14 -6.73 44.64 20.59
CA ILE C 14 -6.21 43.30 20.71
C ILE C 14 -6.38 42.59 19.37
N VAL C 15 -7.60 42.59 18.86
CA VAL C 15 -7.85 41.96 17.57
C VAL C 15 -6.92 42.56 16.53
N ARG C 16 -6.76 43.88 16.54
CA ARG C 16 -5.88 44.55 15.57
C ARG C 16 -4.47 44.01 15.72
N VAL C 17 -3.96 44.07 16.95
CA VAL C 17 -2.61 43.60 17.19
C VAL C 17 -2.41 42.13 16.87
N THR C 18 -3.29 41.25 17.35
CA THR C 18 -3.10 39.84 17.07
C THR C 18 -3.24 39.58 15.57
N GLN C 19 -4.04 40.39 14.89
CA GLN C 19 -4.20 40.21 13.45
C GLN C 19 -2.91 40.64 12.79
N THR C 20 -2.31 41.69 13.33
CA THR C 20 -1.04 42.21 12.81
C THR C 20 0.02 41.17 13.09
N LEU C 21 -0.11 40.50 14.23
CA LEU C 21 0.83 39.47 14.64
C LEU C 21 0.72 38.28 13.70
N LEU C 22 -0.51 37.91 13.35
CA LEU C 22 -0.69 36.79 12.44
C LEU C 22 -0.12 37.08 11.06
N ASP C 23 -0.44 38.23 10.50
CA ASP C 23 0.06 38.57 9.18
C ASP C 23 1.58 38.55 9.23
N ALA C 24 2.14 38.81 10.40
CA ALA C 24 3.59 38.81 10.55
C ALA C 24 4.13 37.41 10.26
N ILE C 25 3.58 36.42 10.95
CA ILE C 25 4.01 35.06 10.74
C ILE C 25 3.73 34.62 9.30
N SER C 26 2.56 34.97 8.77
CA SER C 26 2.22 34.59 7.40
C SER C 26 3.32 34.89 6.37
N CYS C 27 3.84 36.11 6.37
CA CYS C 27 4.91 36.45 5.42
C CYS C 27 6.32 36.49 6.01
N LYS C 28 6.53 35.71 7.06
CA LYS C 28 7.81 35.60 7.74
C LYS C 28 8.56 36.89 8.06
N ASP C 29 7.90 37.78 8.77
CA ASP C 29 8.48 39.05 9.19
C ASP C 29 8.92 38.90 10.64
N PHE C 30 10.12 38.39 10.84
CA PHE C 30 10.63 38.16 12.18
C PHE C 30 10.76 39.41 13.03
N GLU C 31 11.10 40.53 12.39
CA GLU C 31 11.27 41.78 13.12
C GLU C 31 9.98 42.25 13.77
N THR C 32 8.87 42.17 13.04
CA THR C 32 7.58 42.60 13.58
C THR C 32 7.11 41.58 14.61
N TYR C 33 7.57 40.34 14.46
CA TYR C 33 7.23 39.26 15.36
C TYR C 33 7.84 39.54 16.72
N THR C 34 9.14 39.86 16.71
CA THR C 34 9.88 40.16 17.93
C THR C 34 9.38 41.44 18.61
N ARG C 35 8.86 42.37 17.83
CA ARG C 35 8.37 43.61 18.40
C ARG C 35 7.05 43.36 19.11
N LEU C 36 6.28 42.42 18.58
CA LEU C 36 4.98 42.07 19.15
C LEU C 36 5.06 41.00 20.23
N CYS C 37 6.11 40.19 20.20
CA CYS C 37 6.30 39.14 21.19
C CYS C 37 7.31 39.54 22.24
N ASP C 38 6.96 39.35 23.51
CA ASP C 38 7.87 39.72 24.58
C ASP C 38 9.09 38.81 24.52
N THR C 39 10.04 39.02 25.42
CA THR C 39 11.24 38.21 25.46
C THR C 39 11.00 37.03 26.39
N SER C 40 10.01 37.19 27.26
CA SER C 40 9.63 36.20 28.25
C SER C 40 8.38 35.42 27.81
N MET C 41 8.12 35.38 26.51
CA MET C 41 6.94 34.69 26.00
C MET C 41 6.97 33.15 26.11
N THR C 42 6.02 32.62 26.88
CA THR C 42 5.88 31.17 27.07
C THR C 42 5.07 30.64 25.87
N CYS C 43 5.25 29.36 25.54
CA CYS C 43 4.55 28.80 24.40
C CYS C 43 4.27 27.30 24.42
N PHE C 44 3.01 26.97 24.17
CA PHE C 44 2.54 25.59 24.09
C PHE C 44 2.02 25.50 22.66
N GLU C 45 2.66 24.69 21.82
CA GLU C 45 2.21 24.53 20.43
C GLU C 45 2.68 23.19 19.84
N PRO C 46 2.03 22.71 18.76
CA PRO C 46 2.36 21.45 18.10
C PRO C 46 3.81 21.30 17.65
N GLU C 47 4.46 22.40 17.32
CA GLU C 47 5.87 22.33 16.91
C GLU C 47 6.77 22.06 18.10
N ALA C 48 6.20 22.14 19.31
CA ALA C 48 6.96 21.92 20.55
C ALA C 48 6.74 20.56 21.22
N LEU C 49 5.78 19.78 20.72
CA LEU C 49 5.53 18.44 21.27
C LEU C 49 5.19 18.32 22.75
N GLY C 50 4.37 19.22 23.28
CA GLY C 50 4.02 19.11 24.68
C GLY C 50 5.01 19.75 25.64
N ASN C 51 5.99 20.45 25.11
CA ASN C 51 6.97 21.13 25.93
C ASN C 51 6.59 22.60 26.02
N LEU C 52 6.97 23.25 27.12
CA LEU C 52 6.67 24.66 27.27
C LEU C 52 7.94 25.43 26.86
N ILE C 53 7.90 26.06 25.69
CA ILE C 53 9.05 26.82 25.18
C ILE C 53 9.14 28.22 25.79
N GLU C 54 10.37 28.72 25.96
CA GLU C 54 10.58 30.05 26.52
C GLU C 54 11.39 30.93 25.56
N GLY C 55 11.01 32.20 25.45
CA GLY C 55 11.72 33.11 24.57
C GLY C 55 11.37 32.98 23.09
N ILE C 56 11.89 33.91 22.30
CA ILE C 56 11.63 33.93 20.87
C ILE C 56 12.51 32.99 20.05
N GLU C 57 13.77 32.89 20.45
CA GLU C 57 14.73 32.07 19.72
C GLU C 57 14.18 30.81 19.06
N PHE C 58 13.51 29.96 19.82
CA PHE C 58 12.96 28.73 19.28
C PHE C 58 12.05 28.97 18.09
N HIS C 59 11.40 30.13 18.07
CA HIS C 59 10.49 30.45 16.99
C HIS C 59 11.16 30.83 15.66
N ARG C 60 12.36 31.40 15.71
CA ARG C 60 13.06 31.79 14.49
C ARG C 60 13.05 30.74 13.38
N PHE C 61 13.48 29.52 13.68
CA PHE C 61 13.50 28.46 12.68
C PHE C 61 12.44 28.60 11.59
N TYR C 62 11.23 28.94 12.01
CA TYR C 62 10.11 29.08 11.10
C TYR C 62 9.99 30.43 10.39
N PHE C 63 11.07 31.19 10.38
CA PHE C 63 11.07 32.49 9.70
C PHE C 63 12.22 32.52 8.70
N ASP C 64 12.53 31.36 8.13
CA ASP C 64 13.60 31.26 7.16
C ASP C 64 13.14 30.45 5.97
N GLY C 65 13.15 31.07 4.78
CA GLY C 65 12.75 30.34 3.59
C GLY C 65 11.84 31.02 2.58
N ASN C 66 11.20 30.17 1.77
CA ASN C 66 10.28 30.56 0.70
C ASN C 66 9.27 31.67 1.00
N ARG C 67 9.30 32.24 2.20
CA ARG C 67 8.38 33.30 2.56
C ARG C 67 6.95 32.77 2.43
N LYS C 68 6.00 33.68 2.17
CA LYS C 68 4.60 33.29 2.02
C LYS C 68 4.51 32.23 0.92
N ASN C 69 3.94 31.09 1.26
CA ASN C 69 3.82 29.98 0.31
C ASN C 69 2.46 29.92 -0.37
N GLN C 70 1.94 31.08 -0.75
CA GLN C 70 0.63 31.15 -1.40
C GLN C 70 -0.40 30.51 -0.47
N VAL C 71 -0.30 30.85 0.81
CA VAL C 71 -1.20 30.34 1.84
C VAL C 71 -2.08 31.48 2.33
N HIS C 72 -3.23 31.14 2.90
CA HIS C 72 -4.17 32.12 3.39
C HIS C 72 -4.76 31.73 4.76
N THR C 73 -4.49 32.52 5.79
CA THR C 73 -5.03 32.21 7.11
C THR C 73 -6.16 33.15 7.45
N THR C 74 -7.12 32.65 8.21
CA THR C 74 -8.28 33.43 8.63
C THR C 74 -8.50 33.25 10.11
N MET C 75 -8.59 34.37 10.82
CA MET C 75 -8.86 34.37 12.25
C MET C 75 -10.38 34.48 12.34
N LEU C 76 -11.05 33.45 12.84
CA LEU C 76 -12.50 33.49 12.95
C LEU C 76 -12.88 34.09 14.29
N ASN C 77 -14.15 34.46 14.44
CA ASN C 77 -14.70 35.03 15.68
C ASN C 77 -13.74 35.25 16.81
N PRO C 78 -12.98 36.34 16.83
CA PRO C 78 -12.10 36.56 17.95
C PRO C 78 -12.95 36.73 19.20
N ASN C 79 -12.46 36.23 20.35
CA ASN C 79 -13.17 36.34 21.61
C ASN C 79 -12.17 36.85 22.62
N VAL C 80 -12.40 38.06 23.11
CA VAL C 80 -11.50 38.68 24.06
C VAL C 80 -12.00 38.77 25.51
N HIS C 81 -11.05 38.99 26.41
CA HIS C 81 -11.32 39.13 27.83
C HIS C 81 -10.47 40.30 28.27
N ILE C 82 -11.09 41.22 29.00
CA ILE C 82 -10.38 42.37 29.51
C ILE C 82 -10.11 42.13 30.98
N ILE C 83 -8.93 42.54 31.44
CA ILE C 83 -8.54 42.38 32.84
C ILE C 83 -7.66 43.56 33.23
N GLY C 84 -8.30 44.70 33.47
CA GLY C 84 -7.56 45.89 33.81
C GLY C 84 -7.45 46.71 32.55
N GLU C 85 -6.37 47.46 32.40
CA GLU C 85 -6.20 48.26 31.21
C GLU C 85 -4.85 48.02 30.56
N ASP C 86 -4.19 46.95 30.97
CA ASP C 86 -2.89 46.59 30.42
C ASP C 86 -2.76 45.09 30.17
N ALA C 87 -3.80 44.34 30.53
CA ALA C 87 -3.78 42.90 30.36
C ALA C 87 -5.06 42.33 29.74
N ALA C 88 -4.92 41.62 28.62
CA ALA C 88 -6.07 41.01 27.95
C ALA C 88 -5.68 39.69 27.28
N CYS C 89 -6.65 38.78 27.15
CA CYS C 89 -6.37 37.52 26.49
C CYS C 89 -7.41 37.30 25.39
N VAL C 90 -6.97 36.77 24.26
CA VAL C 90 -7.85 36.53 23.15
C VAL C 90 -7.76 35.12 22.61
N ALA C 91 -8.93 34.52 22.37
CA ALA C 91 -8.98 33.17 21.85
C ALA C 91 -9.77 33.19 20.53
N TYR C 92 -9.25 32.49 19.52
CA TYR C 92 -9.91 32.45 18.23
C TYR C 92 -9.56 31.16 17.51
N VAL C 93 -10.36 30.79 16.51
CA VAL C 93 -10.08 29.60 15.73
C VAL C 93 -9.35 30.12 14.51
N LYS C 94 -8.23 29.50 14.16
CA LYS C 94 -7.45 29.93 13.02
C LYS C 94 -7.53 28.93 11.86
N LEU C 95 -8.06 29.37 10.73
CA LEU C 95 -8.21 28.50 9.55
C LEU C 95 -7.12 28.78 8.52
N THR C 96 -6.49 27.74 8.01
CA THR C 96 -5.45 27.94 7.01
C THR C 96 -5.73 27.20 5.71
N GLN C 97 -5.71 27.95 4.61
CA GLN C 97 -5.94 27.38 3.30
C GLN C 97 -4.63 27.27 2.57
N PHE C 98 -4.40 26.13 1.94
CA PHE C 98 -3.17 25.90 1.21
C PHE C 98 -3.39 24.87 0.12
N LEU C 99 -2.49 24.85 -0.85
CA LEU C 99 -2.48 23.87 -1.88
C LEU C 99 -1.26 23.05 -1.62
N ASP C 100 -1.36 21.72 -1.69
CA ASP C 100 -0.20 20.91 -1.42
C ASP C 100 0.44 20.26 -2.63
N ARG C 101 1.32 19.30 -2.34
CA ARG C 101 2.08 18.53 -3.32
C ARG C 101 1.73 18.68 -4.80
N ASN C 102 0.49 18.39 -5.18
CA ASN C 102 0.10 18.49 -6.58
C ASN C 102 -0.74 19.68 -7.01
N GLY C 103 -1.30 20.41 -6.06
CA GLY C 103 -2.12 21.57 -6.40
C GLY C 103 -3.48 21.45 -5.77
N GLU C 104 -3.68 20.36 -5.04
CA GLU C 104 -4.93 20.11 -4.34
C GLU C 104 -5.18 21.24 -3.34
N ALA C 105 -6.41 21.41 -2.90
CA ALA C 105 -6.73 22.46 -1.94
C ALA C 105 -7.16 21.83 -0.60
N HIS C 106 -6.52 22.26 0.48
CA HIS C 106 -6.87 21.75 1.80
C HIS C 106 -6.93 22.83 2.85
N THR C 107 -7.74 22.59 3.88
CA THR C 107 -7.90 23.53 4.98
C THR C 107 -7.39 22.96 6.29
N ARG C 108 -6.50 23.70 6.93
CA ARG C 108 -5.93 23.28 8.19
C ARG C 108 -6.55 24.14 9.30
N GLN C 109 -6.85 23.53 10.43
CA GLN C 109 -7.45 24.26 11.55
C GLN C 109 -6.68 24.12 12.88
N SER C 110 -6.68 25.19 13.67
CA SER C 110 -6.02 25.17 14.98
C SER C 110 -6.66 26.17 15.95
N GLN C 111 -6.73 25.80 17.23
CA GLN C 111 -7.29 26.68 18.25
C GLN C 111 -6.18 27.46 18.94
N GLU C 112 -6.26 28.78 18.94
CA GLU C 112 -5.24 29.61 19.56
C GLU C 112 -5.70 30.55 20.66
N SER C 113 -4.80 30.74 21.63
CA SER C 113 -5.01 31.62 22.77
C SER C 113 -3.77 32.46 22.91
N ARG C 114 -3.96 33.74 23.18
CA ARG C 114 -2.83 34.64 23.37
C ARG C 114 -3.12 35.54 24.55
N VAL C 115 -2.08 35.79 25.35
CA VAL C 115 -2.22 36.63 26.52
C VAL C 115 -1.42 37.88 26.23
N TRP C 116 -2.09 39.03 26.31
CA TRP C 116 -1.46 40.32 26.03
C TRP C 116 -1.21 41.21 27.24
N SER C 117 -0.11 41.95 27.15
CA SER C 117 0.30 42.86 28.21
C SER C 117 0.72 44.19 27.62
N LYS C 118 0.13 45.27 28.14
CA LYS C 118 0.45 46.61 27.66
C LYS C 118 1.71 47.09 28.36
N LYS C 119 2.86 46.85 27.74
CA LYS C 119 4.12 47.25 28.34
C LYS C 119 4.68 48.52 27.73
N GLN C 120 4.63 49.58 28.54
CA GLN C 120 5.10 50.90 28.18
C GLN C 120 4.35 51.40 26.96
N GLY C 121 3.02 51.42 27.07
CA GLY C 121 2.19 51.89 25.98
C GLY C 121 1.74 50.80 25.02
N ARG C 122 2.68 50.15 24.36
CA ARG C 122 2.38 49.12 23.37
C ARG C 122 2.13 47.70 23.91
N TRP C 123 1.13 47.04 23.33
CA TRP C 123 0.77 45.67 23.69
C TRP C 123 1.76 44.65 23.16
N VAL C 124 2.16 43.72 24.01
CA VAL C 124 3.07 42.66 23.59
C VAL C 124 2.60 41.30 24.10
N CYS C 125 2.74 40.27 23.27
CA CYS C 125 2.30 38.93 23.65
C CYS C 125 3.25 38.26 24.64
N VAL C 126 2.71 37.84 25.77
CA VAL C 126 3.51 37.17 26.80
C VAL C 126 3.41 35.66 26.70
N HIS C 127 2.21 35.16 26.37
CA HIS C 127 1.99 33.73 26.28
C HIS C 127 1.04 33.31 25.15
N VAL C 128 1.35 32.20 24.50
CA VAL C 128 0.52 31.69 23.40
C VAL C 128 0.32 30.17 23.51
N HIS C 129 -0.85 29.71 23.12
CA HIS C 129 -1.19 28.28 23.17
C HIS C 129 -2.02 27.88 21.95
N ARG C 130 -1.49 26.94 21.17
CA ARG C 130 -2.12 26.42 19.96
C ARG C 130 -2.41 24.92 20.09
N SER C 131 -3.51 24.45 19.51
CA SER C 131 -3.82 23.02 19.57
C SER C 131 -4.44 22.46 18.30
N THR C 132 -4.37 21.13 18.12
CA THR C 132 -4.88 20.40 16.96
C THR C 132 -4.14 20.83 15.69
N ASN D 4 25.11 29.37 47.60
CA ASN D 4 24.36 28.90 46.42
C ASN D 4 24.89 29.55 45.15
N ASP D 5 25.89 30.42 45.31
CA ASP D 5 26.51 31.11 44.20
C ASP D 5 27.65 30.25 43.65
N SER D 6 28.19 29.39 44.52
CA SER D 6 29.24 28.46 44.14
C SER D 6 28.50 27.22 43.63
N GLU D 7 27.19 27.25 43.81
CA GLU D 7 26.29 26.18 43.38
C GLU D 7 25.61 26.62 42.08
N LYS D 8 25.19 27.88 42.03
CA LYS D 8 24.53 28.42 40.85
C LYS D 8 25.52 28.61 39.70
N ALA D 9 26.79 28.83 40.04
CA ALA D 9 27.83 29.04 39.04
C ALA D 9 28.17 27.70 38.41
N GLN D 10 28.42 26.73 39.27
CA GLN D 10 28.78 25.40 38.82
C GLN D 10 27.69 24.74 37.96
N LYS D 11 26.43 25.14 38.14
CA LYS D 11 25.37 24.56 37.33
C LYS D 11 25.41 25.23 35.96
N GLN D 12 25.60 26.55 35.97
CA GLN D 12 25.70 27.34 34.75
C GLN D 12 26.83 26.77 33.91
N ASP D 13 27.89 26.36 34.59
CA ASP D 13 29.05 25.80 33.94
C ASP D 13 28.77 24.44 33.34
N ILE D 14 28.14 23.57 34.13
CA ILE D 14 27.79 22.24 33.66
C ILE D 14 26.95 22.33 32.41
N VAL D 15 25.93 23.18 32.42
CA VAL D 15 25.08 23.37 31.25
C VAL D 15 25.89 23.84 30.03
N ARG D 16 26.88 24.70 30.26
CA ARG D 16 27.67 25.20 29.13
C ARG D 16 28.51 24.11 28.47
N VAL D 17 29.04 23.16 29.22
CA VAL D 17 29.81 22.11 28.57
C VAL D 17 28.94 21.12 27.80
N THR D 18 27.72 20.86 28.27
CA THR D 18 26.87 19.90 27.55
C THR D 18 26.42 20.60 26.28
N GLN D 19 26.31 21.92 26.35
CA GLN D 19 25.91 22.69 25.17
C GLN D 19 27.01 22.56 24.14
N THR D 20 28.26 22.56 24.62
CA THR D 20 29.41 22.42 23.77
C THR D 20 29.41 21.03 23.12
N LEU D 21 29.11 20.02 23.93
CA LEU D 21 29.06 18.63 23.47
C LEU D 21 27.96 18.43 22.43
N LEU D 22 26.79 19.00 22.68
CA LEU D 22 25.68 18.88 21.76
C LEU D 22 25.98 19.55 20.42
N ASP D 23 26.74 20.63 20.46
CA ASP D 23 27.08 21.33 19.24
C ASP D 23 28.09 20.49 18.52
N ALA D 24 29.02 19.91 19.27
CA ALA D 24 30.04 19.06 18.68
C ALA D 24 29.38 17.91 17.89
N ILE D 25 28.29 17.39 18.44
CA ILE D 25 27.56 16.30 17.83
C ILE D 25 26.80 16.80 16.60
N SER D 26 26.15 17.94 16.74
CA SER D 26 25.37 18.50 15.64
C SER D 26 26.19 18.68 14.37
N CYS D 27 27.35 19.31 14.49
CA CYS D 27 28.17 19.50 13.31
C CYS D 27 29.23 18.41 13.16
N LYS D 28 28.91 17.24 13.70
CA LYS D 28 29.79 16.07 13.62
C LYS D 28 31.27 16.31 13.89
N ASP D 29 31.57 17.06 14.94
CA ASP D 29 32.93 17.35 15.33
C ASP D 29 33.37 16.28 16.33
N PHE D 30 33.92 15.20 15.83
CA PHE D 30 34.34 14.10 16.69
C PHE D 30 35.55 14.44 17.53
N GLU D 31 36.42 15.31 17.01
CA GLU D 31 37.61 15.66 17.77
C GLU D 31 37.16 16.32 19.08
N THR D 32 36.31 17.34 18.97
CA THR D 32 35.79 18.00 20.13
C THR D 32 34.99 16.99 20.95
N TYR D 33 34.19 16.17 20.26
CA TYR D 33 33.36 15.18 20.91
C TYR D 33 34.17 14.28 21.84
N THR D 34 35.26 13.71 21.34
CA THR D 34 36.07 12.82 22.18
C THR D 34 36.82 13.55 23.29
N ARG D 35 37.01 14.85 23.12
CA ARG D 35 37.70 15.62 24.13
C ARG D 35 36.79 15.62 25.37
N LEU D 36 35.49 15.75 25.14
CA LEU D 36 34.48 15.82 26.20
C LEU D 36 33.90 14.48 26.72
N CYS D 37 34.20 13.38 26.04
CA CYS D 37 33.68 12.10 26.48
C CYS D 37 34.82 11.23 27.00
N ASP D 38 34.64 10.72 28.21
CA ASP D 38 35.64 9.87 28.85
C ASP D 38 35.93 8.64 28.01
N THR D 39 37.06 7.99 28.30
CA THR D 39 37.44 6.80 27.57
C THR D 39 36.57 5.62 27.98
N SER D 40 36.15 5.62 29.24
CA SER D 40 35.32 4.55 29.77
C SER D 40 33.85 4.93 29.78
N MET D 41 33.46 5.90 28.97
CA MET D 41 32.08 6.34 28.93
C MET D 41 31.10 5.23 28.58
N THR D 42 30.00 5.14 29.32
CA THR D 42 28.98 4.14 29.05
C THR D 42 27.75 4.83 28.45
N CYS D 43 26.85 4.05 27.80
CA CYS D 43 25.69 4.70 27.19
C CYS D 43 24.51 3.77 26.86
N PHE D 44 23.35 4.27 27.23
CA PHE D 44 22.10 3.63 26.90
C PHE D 44 21.46 4.55 25.91
N GLU D 45 21.12 4.07 24.72
CA GLU D 45 20.49 4.96 23.75
C GLU D 45 19.72 4.17 22.71
N PRO D 46 18.71 4.78 22.07
CA PRO D 46 17.90 4.11 21.04
C PRO D 46 18.73 3.36 19.96
N GLU D 47 19.76 4.02 19.40
CA GLU D 47 20.64 3.37 18.39
C GLU D 47 21.34 2.12 18.96
N ALA D 48 21.41 1.98 20.29
CA ALA D 48 22.08 0.85 20.91
C ALA D 48 21.16 -0.32 21.28
N LEU D 49 19.86 -0.16 21.05
CA LEU D 49 18.87 -1.22 21.31
C LEU D 49 18.88 -1.91 22.68
N GLY D 50 18.82 -1.17 23.77
CA GLY D 50 18.79 -1.83 25.06
C GLY D 50 20.10 -2.36 25.60
N ASN D 51 21.18 -2.22 24.83
CA ASN D 51 22.48 -2.67 25.30
C ASN D 51 23.24 -1.49 25.86
N LEU D 52 24.13 -1.77 26.82
CA LEU D 52 24.96 -0.72 27.38
C LEU D 52 26.26 -0.67 26.56
N ILE D 53 26.58 0.50 26.03
CA ILE D 53 27.77 0.65 25.21
C ILE D 53 28.93 1.33 25.95
N GLU D 54 30.15 0.84 25.70
CA GLU D 54 31.35 1.41 26.30
C GLU D 54 32.22 2.00 25.20
N GLY D 55 32.90 3.09 25.52
CA GLY D 55 33.77 3.71 24.53
C GLY D 55 33.08 4.73 23.66
N ILE D 56 33.84 5.28 22.71
CA ILE D 56 33.32 6.29 21.81
C ILE D 56 33.26 5.83 20.35
N GLU D 57 33.96 4.73 20.06
CA GLU D 57 34.00 4.19 18.70
C GLU D 57 32.62 3.91 18.11
N PHE D 58 31.71 3.38 18.92
CA PHE D 58 30.37 3.09 18.43
C PHE D 58 29.65 4.35 17.96
N HIS D 59 29.82 5.45 18.71
CA HIS D 59 29.17 6.71 18.34
C HIS D 59 29.89 7.36 17.16
N ARG D 60 31.11 6.91 16.88
CA ARG D 60 31.88 7.47 15.78
C ARG D 60 31.10 7.35 14.48
N PHE D 61 30.37 6.25 14.35
CA PHE D 61 29.58 5.97 13.16
C PHE D 61 28.70 7.14 12.69
N TYR D 62 28.09 7.85 13.65
CA TYR D 62 27.19 8.98 13.31
C TYR D 62 27.96 10.22 12.96
N PHE D 63 29.29 10.19 13.11
CA PHE D 63 30.06 11.38 12.81
C PHE D 63 30.53 11.49 11.37
N ASP D 64 30.09 10.57 10.53
CA ASP D 64 30.49 10.60 9.13
C ASP D 64 29.34 11.10 8.27
N GLY D 65 29.66 11.51 7.05
CA GLY D 65 28.63 11.98 6.13
C GLY D 65 28.38 13.47 6.12
N ASN D 66 29.07 14.18 5.24
CA ASN D 66 28.90 15.63 5.16
C ASN D 66 28.99 16.17 6.59
N ARG D 67 28.27 17.25 6.84
CA ARG D 67 28.23 17.86 8.16
C ARG D 67 26.77 18.02 8.52
N LYS D 68 26.46 19.17 9.09
CA LYS D 68 25.09 19.51 9.47
C LYS D 68 24.20 19.46 8.24
N ASN D 69 22.93 19.66 8.52
CA ASN D 69 21.85 19.71 7.60
C ASN D 69 21.11 20.97 8.06
N GLN D 70 19.83 21.12 7.74
CA GLN D 70 19.10 22.28 8.25
C GLN D 70 18.53 21.86 9.60
N VAL D 71 19.43 21.36 10.45
CA VAL D 71 19.08 20.88 11.78
C VAL D 71 19.47 21.85 12.89
N HIS D 72 18.48 22.17 13.71
CA HIS D 72 18.66 23.08 14.84
C HIS D 72 18.27 22.28 16.09
N THR D 73 19.19 22.18 17.06
CA THR D 73 18.88 21.44 18.28
C THR D 73 18.86 22.35 19.49
N THR D 74 18.06 21.98 20.49
CA THR D 74 17.93 22.80 21.69
C THR D 74 17.81 21.96 22.95
N MET D 75 18.45 22.44 24.01
CA MET D 75 18.43 21.79 25.30
C MET D 75 17.49 22.65 26.18
N LEU D 76 16.32 22.11 26.52
CA LEU D 76 15.33 22.83 27.32
C LEU D 76 15.45 22.59 28.80
N ASN D 77 15.10 23.62 29.58
CA ASN D 77 15.08 23.57 31.05
C ASN D 77 16.05 22.55 31.66
N PRO D 78 17.34 22.68 31.36
CA PRO D 78 18.32 21.75 31.89
C PRO D 78 18.25 21.73 33.42
N ASN D 79 18.08 20.54 34.00
CA ASN D 79 18.06 20.42 35.44
C ASN D 79 19.39 19.85 35.84
N VAL D 80 20.11 20.53 36.74
CA VAL D 80 21.42 20.06 37.18
C VAL D 80 21.54 19.69 38.66
N HIS D 81 22.20 18.58 38.92
CA HIS D 81 22.45 18.17 40.30
C HIS D 81 23.94 18.23 40.45
N ILE D 82 24.37 18.93 41.48
CA ILE D 82 25.79 18.97 41.75
C ILE D 82 25.98 17.93 42.80
N ILE D 83 27.00 17.10 42.62
CA ILE D 83 27.24 16.08 43.61
C ILE D 83 28.48 16.41 44.43
N GLY D 84 29.62 15.82 44.11
CA GLY D 84 30.81 16.08 44.93
C GLY D 84 31.88 16.98 44.34
N GLU D 85 33.13 16.58 44.61
CA GLU D 85 34.31 17.32 44.13
C GLU D 85 34.14 17.68 42.66
N ASP D 86 34.20 16.66 41.82
CA ASP D 86 34.10 16.84 40.40
C ASP D 86 33.04 15.96 39.79
N ALA D 87 31.83 16.09 40.30
CA ALA D 87 30.74 15.27 39.80
C ALA D 87 29.52 16.13 39.61
N ALA D 88 28.72 15.79 38.61
CA ALA D 88 27.47 16.51 38.32
C ALA D 88 26.69 15.60 37.41
N CYS D 89 25.44 15.88 37.26
CA CYS D 89 24.63 15.11 36.36
C CYS D 89 23.63 16.10 35.85
N VAL D 90 23.21 15.96 34.60
CA VAL D 90 22.28 16.94 34.07
C VAL D 90 21.17 16.23 33.31
N ALA D 91 19.98 16.79 33.38
CA ALA D 91 18.84 16.20 32.70
C ALA D 91 18.12 17.27 31.91
N TYR D 92 17.73 16.91 30.69
CA TYR D 92 17.05 17.84 29.82
C TYR D 92 16.35 17.13 28.69
N VAL D 93 15.36 17.81 28.18
CA VAL D 93 14.64 17.36 27.01
C VAL D 93 15.42 17.98 25.88
N LYS D 94 15.84 17.18 24.89
CA LYS D 94 16.59 17.70 23.77
C LYS D 94 15.64 17.84 22.60
N LEU D 95 15.45 19.06 22.11
CA LEU D 95 14.56 19.32 20.98
C LEU D 95 15.35 19.52 19.71
N THR D 96 14.92 18.87 18.64
CA THR D 96 15.61 19.00 17.35
C THR D 96 14.66 19.42 16.23
N GLN D 97 14.90 20.60 15.67
CA GLN D 97 14.09 21.11 14.56
C GLN D 97 14.79 20.85 13.23
N PHE D 98 14.12 20.10 12.35
CA PHE D 98 14.70 19.76 11.06
C PHE D 98 13.68 19.87 9.92
N LEU D 99 14.16 19.67 8.69
CA LEU D 99 13.32 19.72 7.49
C LEU D 99 13.48 18.44 6.71
N ASP D 100 12.52 18.14 5.85
CA ASP D 100 12.60 16.92 5.05
C ASP D 100 13.10 17.17 3.64
N ARG D 101 12.91 16.15 2.81
CA ARG D 101 13.29 16.20 1.40
C ARG D 101 12.29 17.12 0.71
N ASN D 102 11.13 17.27 1.34
CA ASN D 102 10.06 18.09 0.82
C ASN D 102 10.07 19.49 1.43
N GLY D 103 11.14 19.83 2.15
CA GLY D 103 11.26 21.14 2.76
C GLY D 103 10.39 21.35 4.00
N GLU D 104 9.59 20.33 4.32
CA GLU D 104 8.71 20.38 5.48
C GLU D 104 9.49 20.44 6.80
N ALA D 105 8.93 21.13 7.79
CA ALA D 105 9.56 21.27 9.09
C ALA D 105 8.94 20.32 10.12
N HIS D 106 9.77 19.52 10.76
CA HIS D 106 9.32 18.57 11.78
C HIS D 106 10.09 18.79 13.08
N THR D 107 9.49 18.43 14.20
CA THR D 107 10.16 18.57 15.49
C THR D 107 10.29 17.22 16.14
N ARG D 108 11.51 16.91 16.59
CA ARG D 108 11.81 15.64 17.23
C ARG D 108 12.21 15.87 18.67
N GLN D 109 11.94 14.90 19.52
CA GLN D 109 12.26 14.98 20.94
C GLN D 109 12.98 13.76 21.46
N SER D 110 13.70 13.93 22.56
CA SER D 110 14.39 12.84 23.23
C SER D 110 14.78 13.33 24.62
N GLN D 111 14.66 12.45 25.61
CA GLN D 111 15.01 12.82 27.00
C GLN D 111 16.46 12.37 27.25
N GLU D 112 17.26 13.26 27.82
CA GLU D 112 18.65 12.95 28.05
C GLU D 112 19.21 13.17 29.43
N SER D 113 20.10 12.26 29.81
CA SER D 113 20.79 12.34 31.10
C SER D 113 22.28 12.17 30.85
N ARG D 114 23.09 13.04 31.45
CA ARG D 114 24.53 12.91 31.34
C ARG D 114 25.16 13.05 32.71
N VAL D 115 26.23 12.31 32.93
CA VAL D 115 26.93 12.37 34.21
C VAL D 115 28.34 12.92 33.96
N TRP D 116 28.65 14.06 34.57
CA TRP D 116 29.95 14.68 34.37
C TRP D 116 30.95 14.51 35.52
N SER D 117 32.19 14.25 35.15
CA SER D 117 33.26 14.11 36.11
C SER D 117 34.37 15.07 35.70
N LYS D 118 35.00 15.69 36.69
CA LYS D 118 36.08 16.61 36.44
C LYS D 118 37.42 15.93 36.71
N LYS D 119 38.15 15.70 35.63
CA LYS D 119 39.45 15.05 35.70
C LYS D 119 40.47 15.99 35.08
N GLN D 120 41.65 16.06 35.69
CA GLN D 120 42.70 16.95 35.20
C GLN D 120 42.11 18.32 34.92
N GLY D 121 41.25 18.78 35.83
CA GLY D 121 40.62 20.09 35.69
C GLY D 121 39.57 20.24 34.60
N ARG D 122 39.32 19.19 33.83
CA ARG D 122 38.34 19.25 32.76
C ARG D 122 37.10 18.38 32.97
N TRP D 123 35.93 18.93 32.65
CA TRP D 123 34.68 18.19 32.78
C TRP D 123 34.54 17.19 31.63
N VAL D 124 34.39 15.90 31.94
CA VAL D 124 34.21 14.91 30.90
C VAL D 124 32.95 14.10 31.18
N CYS D 125 32.22 13.75 30.12
CA CYS D 125 31.01 12.96 30.29
C CYS D 125 31.41 11.47 30.43
N VAL D 126 31.01 10.83 31.52
CA VAL D 126 31.32 9.42 31.77
C VAL D 126 30.14 8.46 31.52
N HIS D 127 28.96 9.04 31.34
CA HIS D 127 27.76 8.25 31.13
C HIS D 127 26.61 9.08 30.54
N VAL D 128 25.91 8.51 29.57
CA VAL D 128 24.79 9.16 28.94
C VAL D 128 23.62 8.18 28.76
N HIS D 129 22.41 8.65 28.99
CA HIS D 129 21.21 7.85 28.81
C HIS D 129 20.25 8.68 28.00
N ARG D 130 19.85 8.17 26.83
CA ARG D 130 18.93 8.87 25.95
C ARG D 130 17.72 7.94 25.77
N SER D 131 16.53 8.52 25.68
CA SER D 131 15.36 7.69 25.50
C SER D 131 14.28 8.29 24.59
N THR D 132 13.43 7.39 24.08
CA THR D 132 12.31 7.66 23.16
C THR D 132 12.82 8.16 21.81
N ASN E 4 45.57 -19.15 35.99
CA ASN E 4 44.66 -18.02 35.67
C ASN E 4 45.15 -17.17 34.51
N ASP E 5 46.38 -16.64 34.62
CA ASP E 5 46.94 -15.80 33.56
C ASP E 5 47.02 -16.54 32.24
N SER E 6 47.26 -17.84 32.30
CA SER E 6 47.31 -18.64 31.07
C SER E 6 45.88 -18.64 30.54
N GLU E 7 44.92 -18.66 31.47
CA GLU E 7 43.50 -18.65 31.13
C GLU E 7 43.10 -17.32 30.48
N LYS E 8 43.31 -16.22 31.20
CA LYS E 8 42.97 -14.90 30.67
C LYS E 8 43.50 -14.74 29.25
N ALA E 9 44.81 -14.94 29.09
CA ALA E 9 45.44 -14.82 27.79
C ALA E 9 44.71 -15.68 26.78
N GLN E 10 44.33 -16.88 27.22
CA GLN E 10 43.62 -17.84 26.37
C GLN E 10 42.27 -17.28 25.94
N LYS E 11 41.57 -16.64 26.88
CA LYS E 11 40.30 -16.04 26.58
C LYS E 11 40.48 -14.94 25.54
N GLN E 12 41.55 -14.18 25.69
CA GLN E 12 41.85 -13.11 24.76
C GLN E 12 42.09 -13.72 23.38
N ASP E 13 42.63 -14.93 23.36
CA ASP E 13 42.91 -15.61 22.10
C ASP E 13 41.61 -15.92 21.38
N ILE E 14 40.59 -16.27 22.15
CA ILE E 14 39.28 -16.59 21.60
C ILE E 14 38.59 -15.35 21.06
N VAL E 15 38.55 -14.30 21.87
CA VAL E 15 37.92 -13.07 21.44
C VAL E 15 38.58 -12.49 20.18
N ARG E 16 39.89 -12.62 20.08
CA ARG E 16 40.62 -12.11 18.94
C ARG E 16 40.28 -12.81 17.61
N VAL E 17 40.30 -14.15 17.61
CA VAL E 17 39.97 -14.90 16.40
C VAL E 17 38.53 -14.63 16.01
N THR E 18 37.63 -14.72 17.00
CA THR E 18 36.23 -14.46 16.73
C THR E 18 36.15 -13.12 16.03
N GLN E 19 36.84 -12.14 16.60
CA GLN E 19 36.86 -10.82 16.01
C GLN E 19 37.39 -10.90 14.58
N THR E 20 38.40 -11.73 14.35
CA THR E 20 38.96 -11.87 12.99
C THR E 20 37.90 -12.40 12.04
N LEU E 21 37.17 -13.42 12.50
CA LEU E 21 36.10 -14.02 11.71
C LEU E 21 35.01 -12.98 11.37
N LEU E 22 34.55 -12.24 12.38
CA LEU E 22 33.52 -11.24 12.13
C LEU E 22 33.96 -10.22 11.09
N ASP E 23 35.20 -9.75 11.20
CA ASP E 23 35.70 -8.78 10.23
C ASP E 23 35.63 -9.45 8.86
N ALA E 24 36.01 -10.73 8.82
CA ALA E 24 36.00 -11.50 7.59
C ALA E 24 34.62 -11.51 6.92
N ILE E 25 33.58 -11.73 7.71
CA ILE E 25 32.21 -11.75 7.19
C ILE E 25 31.80 -10.36 6.70
N SER E 26 32.22 -9.32 7.42
CA SER E 26 31.90 -7.96 7.02
C SER E 26 32.46 -7.62 5.64
N CYS E 27 33.75 -7.87 5.45
CA CYS E 27 34.40 -7.58 4.15
C CYS E 27 34.21 -8.70 3.11
N LYS E 28 33.35 -9.67 3.43
CA LYS E 28 33.06 -10.80 2.56
C LYS E 28 34.30 -11.46 2.02
N ASP E 29 35.17 -11.86 2.93
CA ASP E 29 36.44 -12.53 2.64
C ASP E 29 36.32 -14.03 2.90
N PHE E 30 35.91 -14.76 1.86
CA PHE E 30 35.75 -16.21 1.94
C PHE E 30 36.92 -16.88 2.63
N GLU E 31 38.09 -16.77 2.01
CA GLU E 31 39.33 -17.38 2.50
C GLU E 31 39.50 -17.40 4.00
N THR E 32 39.39 -16.23 4.62
CA THR E 32 39.55 -16.13 6.06
C THR E 32 38.42 -16.91 6.74
N TYR E 33 37.22 -16.79 6.19
CA TYR E 33 36.07 -17.50 6.73
C TYR E 33 36.35 -19.00 6.74
N THR E 34 36.62 -19.56 5.56
CA THR E 34 36.90 -20.98 5.45
C THR E 34 38.14 -21.43 6.20
N ARG E 35 39.10 -20.54 6.39
CA ARG E 35 40.31 -20.89 7.12
C ARG E 35 39.94 -21.03 8.59
N LEU E 36 38.98 -20.22 9.01
CA LEU E 36 38.52 -20.18 10.40
C LEU E 36 37.38 -21.14 10.75
N CYS E 37 36.60 -21.52 9.75
CA CYS E 37 35.50 -22.43 10.00
C CYS E 37 35.78 -23.85 9.53
N ASP E 38 35.74 -24.78 10.47
CA ASP E 38 35.98 -26.18 10.21
C ASP E 38 35.13 -26.73 9.05
N THR E 39 35.34 -27.99 8.71
CA THR E 39 34.62 -28.63 7.62
C THR E 39 33.32 -29.23 8.16
N SER E 40 33.34 -29.57 9.45
CA SER E 40 32.19 -30.17 10.10
C SER E 40 31.38 -29.12 10.87
N MET E 41 31.69 -27.84 10.65
CA MET E 41 30.97 -26.78 11.35
C MET E 41 29.45 -26.83 11.18
N THR E 42 28.76 -27.04 12.30
CA THR E 42 27.28 -27.07 12.33
C THR E 42 26.81 -25.67 12.69
N CYS E 43 25.66 -25.28 12.16
CA CYS E 43 25.17 -23.94 12.41
C CYS E 43 23.66 -23.73 12.49
N PHE E 44 23.24 -22.99 13.51
CA PHE E 44 21.83 -22.64 13.74
C PHE E 44 21.74 -21.14 13.52
N GLU E 45 21.05 -20.71 12.47
CA GLU E 45 20.96 -19.28 12.20
C GLU E 45 19.68 -18.89 11.46
N PRO E 46 19.24 -17.64 11.59
CA PRO E 46 18.02 -17.16 10.92
C PRO E 46 17.89 -17.49 9.44
N GLU E 47 19.00 -17.48 8.72
CA GLU E 47 18.98 -17.79 7.29
C GLU E 47 18.72 -19.26 7.01
N ALA E 48 18.80 -20.09 8.05
CA ALA E 48 18.57 -21.53 7.93
C ALA E 48 17.15 -21.93 8.30
N LEU E 49 16.34 -20.96 8.70
CA LEU E 49 14.94 -21.19 9.05
C LEU E 49 14.68 -22.27 10.13
N GLY E 50 15.52 -22.31 11.15
CA GLY E 50 15.30 -23.31 12.19
C GLY E 50 15.84 -24.67 11.86
N ASN E 51 16.57 -24.76 10.75
CA ASN E 51 17.19 -26.01 10.33
C ASN E 51 18.63 -26.00 10.80
N LEU E 52 19.20 -27.17 11.05
CA LEU E 52 20.60 -27.21 11.44
C LEU E 52 21.38 -27.38 10.14
N ILE E 53 22.39 -26.53 9.95
CA ILE E 53 23.21 -26.56 8.74
C ILE E 53 24.56 -27.22 8.97
N GLU E 54 25.07 -27.92 7.96
CA GLU E 54 26.37 -28.57 8.03
C GLU E 54 27.24 -28.09 6.88
N GLY E 55 28.53 -28.37 6.97
CA GLY E 55 29.43 -27.95 5.91
C GLY E 55 29.66 -26.44 5.86
N ILE E 56 30.01 -25.94 4.69
CA ILE E 56 30.28 -24.51 4.49
C ILE E 56 29.67 -24.04 3.19
N GLU E 57 29.32 -24.98 2.32
CA GLU E 57 28.73 -24.67 1.02
C GLU E 57 27.63 -23.62 1.16
N PHE E 58 26.83 -23.78 2.21
CA PHE E 58 25.68 -22.91 2.49
C PHE E 58 26.02 -21.44 2.73
N HIS E 59 27.00 -21.20 3.59
CA HIS E 59 27.42 -19.84 3.93
C HIS E 59 27.98 -19.05 2.77
N ARG E 60 28.54 -19.75 1.79
CA ARG E 60 29.12 -19.14 0.60
C ARG E 60 28.16 -18.26 -0.18
N PHE E 61 26.87 -18.54 -0.07
CA PHE E 61 25.89 -17.76 -0.81
C PHE E 61 25.91 -16.29 -0.46
N TYR E 62 26.29 -15.98 0.79
CA TYR E 62 26.29 -14.62 1.28
C TYR E 62 27.56 -13.80 1.00
N PHE E 63 28.67 -14.47 0.70
CA PHE E 63 29.93 -13.78 0.44
C PHE E 63 30.09 -13.37 -1.01
N ASP E 64 29.06 -13.59 -1.81
CA ASP E 64 29.14 -13.23 -3.22
C ASP E 64 28.66 -11.82 -3.50
N GLY E 65 29.54 -10.92 -3.93
CA GLY E 65 29.07 -9.61 -4.25
C GLY E 65 29.93 -8.41 -3.80
N ASN E 66 29.19 -7.33 -3.57
CA ASN E 66 29.72 -6.00 -3.25
C ASN E 66 30.45 -5.82 -1.89
N ARG E 67 31.12 -6.87 -1.42
CA ARG E 67 31.90 -6.79 -0.18
C ARG E 67 31.18 -6.08 0.97
N LYS E 68 31.83 -5.06 1.51
CA LYS E 68 31.29 -4.28 2.63
C LYS E 68 30.29 -3.22 2.20
N ASN E 69 29.07 -3.33 2.72
CA ASN E 69 28.01 -2.38 2.38
C ASN E 69 28.14 -1.10 3.20
N GLN E 70 29.37 -0.80 3.66
CA GLN E 70 29.63 0.38 4.48
C GLN E 70 28.88 0.20 5.82
N VAL E 71 29.01 -1.01 6.36
CA VAL E 71 28.33 -1.39 7.59
C VAL E 71 29.24 -1.92 8.70
N HIS E 72 29.43 -1.12 9.74
CA HIS E 72 30.26 -1.46 10.89
C HIS E 72 29.55 -2.37 11.91
N THR E 73 30.24 -3.43 12.34
CA THR E 73 29.67 -4.35 13.31
C THR E 73 30.52 -4.33 14.59
N THR E 74 29.86 -4.56 15.72
CA THR E 74 30.53 -4.54 17.00
C THR E 74 30.20 -5.78 17.81
N MET E 75 31.24 -6.39 18.37
CA MET E 75 31.07 -7.57 19.21
C MET E 75 31.03 -7.02 20.64
N LEU E 76 29.88 -7.11 21.30
CA LEU E 76 29.75 -6.58 22.66
C LEU E 76 30.05 -7.55 23.81
N ASN E 77 30.85 -7.08 24.75
CA ASN E 77 31.24 -7.83 25.96
C ASN E 77 31.31 -9.35 25.81
N PRO E 78 32.25 -9.84 24.99
CA PRO E 78 32.44 -11.27 24.76
C PRO E 78 32.64 -12.07 26.04
N ASN E 79 31.80 -13.07 26.28
CA ASN E 79 31.95 -13.92 27.45
C ASN E 79 32.58 -15.20 26.95
N VAL E 80 33.75 -15.55 27.47
CA VAL E 80 34.43 -16.75 27.04
C VAL E 80 34.45 -17.85 28.09
N HIS E 81 34.39 -19.09 27.60
CA HIS E 81 34.40 -20.28 28.42
C HIS E 81 35.58 -21.13 28.04
N ILE E 82 36.32 -21.57 29.05
CA ILE E 82 37.48 -22.41 28.83
C ILE E 82 37.18 -23.85 29.24
N ILE E 83 37.55 -24.79 28.38
CA ILE E 83 37.34 -26.21 28.66
C ILE E 83 38.62 -26.91 28.22
N GLY E 84 39.60 -26.98 29.11
CA GLY E 84 40.86 -27.60 28.79
C GLY E 84 41.82 -26.59 28.15
N GLU E 85 42.39 -26.96 27.01
CA GLU E 85 43.32 -26.09 26.31
C GLU E 85 43.19 -26.24 24.81
N ASP E 86 42.10 -26.85 24.38
CA ASP E 86 41.83 -27.04 22.95
C ASP E 86 40.34 -26.91 22.68
N ALA E 87 39.60 -26.56 23.73
CA ALA E 87 38.16 -26.39 23.62
C ALA E 87 37.72 -25.16 24.39
N ALA E 88 36.95 -24.32 23.73
CA ALA E 88 36.45 -23.11 24.36
C ALA E 88 35.26 -22.59 23.59
N CYS E 89 34.37 -21.89 24.29
CA CYS E 89 33.21 -21.31 23.63
C CYS E 89 33.04 -19.86 24.07
N VAL E 90 32.44 -19.06 23.19
CA VAL E 90 32.22 -17.66 23.49
C VAL E 90 30.82 -17.18 23.06
N ALA E 91 30.19 -16.43 23.96
CA ALA E 91 28.87 -15.91 23.70
C ALA E 91 28.98 -14.40 23.74
N TYR E 92 28.28 -13.73 22.83
CA TYR E 92 28.33 -12.29 22.77
C TYR E 92 27.15 -11.71 21.99
N VAL E 93 26.81 -10.47 22.30
CA VAL E 93 25.75 -9.82 21.57
C VAL E 93 26.45 -9.18 20.38
N LYS E 94 25.78 -9.15 19.23
CA LYS E 94 26.40 -8.56 18.04
C LYS E 94 25.56 -7.44 17.49
N LEU E 95 26.19 -6.27 17.40
CA LEU E 95 25.55 -5.06 16.91
C LEU E 95 26.03 -4.68 15.51
N THR E 96 25.10 -4.30 14.65
CA THR E 96 25.47 -3.92 13.30
C THR E 96 24.80 -2.62 12.90
N GLN E 97 25.63 -1.64 12.59
CA GLN E 97 25.18 -0.33 12.17
C GLN E 97 25.35 -0.27 10.66
N PHE E 98 24.30 0.12 9.96
CA PHE E 98 24.35 0.17 8.50
C PHE E 98 23.54 1.34 7.95
N LEU E 99 23.90 1.79 6.76
CA LEU E 99 23.20 2.91 6.14
C LEU E 99 21.97 2.47 5.35
N ASP E 100 21.04 3.40 5.22
CA ASP E 100 19.78 3.17 4.52
C ASP E 100 19.74 3.77 3.12
N ARG E 101 18.69 3.43 2.39
CA ARG E 101 18.46 3.91 1.02
C ARG E 101 18.54 5.43 1.03
N ASN E 102 17.74 6.03 1.90
CA ASN E 102 17.67 7.48 2.05
C ASN E 102 18.87 7.98 2.85
N GLY E 103 19.80 7.07 3.15
CA GLY E 103 20.99 7.44 3.90
C GLY E 103 20.80 7.42 5.42
N GLU E 104 19.59 7.12 5.87
CA GLU E 104 19.30 7.06 7.30
C GLU E 104 20.20 6.00 7.95
N ALA E 105 20.42 6.13 9.25
CA ALA E 105 21.26 5.17 9.97
C ALA E 105 20.39 4.17 10.74
N HIS E 106 20.82 2.91 10.78
CA HIS E 106 20.06 1.88 11.48
C HIS E 106 20.95 0.87 12.18
N THR E 107 20.44 0.32 13.28
CA THR E 107 21.21 -0.64 14.04
C THR E 107 20.46 -1.96 14.13
N ARG E 108 21.18 -3.06 13.94
CA ARG E 108 20.60 -4.39 13.98
C ARG E 108 21.27 -5.21 15.07
N GLN E 109 20.51 -6.10 15.69
CA GLN E 109 21.04 -6.93 16.77
C GLN E 109 20.78 -8.42 16.57
N SER E 110 21.72 -9.23 17.04
CA SER E 110 21.60 -10.69 16.99
C SER E 110 22.48 -11.21 18.13
N GLN E 111 22.14 -12.38 18.68
CA GLN E 111 22.92 -12.96 19.77
C GLN E 111 23.65 -14.19 19.23
N GLU E 112 24.97 -14.16 19.22
CA GLU E 112 25.72 -15.30 18.70
C GLU E 112 26.53 -16.07 19.73
N SER E 113 26.69 -17.35 19.44
CA SER E 113 27.49 -18.26 20.25
C SER E 113 28.42 -18.93 19.26
N ARG E 114 29.63 -19.26 19.70
CA ARG E 114 30.58 -19.94 18.82
C ARG E 114 31.42 -20.92 19.63
N VAL E 115 31.61 -22.10 19.08
CA VAL E 115 32.40 -23.13 19.75
C VAL E 115 33.71 -23.28 18.98
N TRP E 116 34.83 -23.20 19.71
CA TRP E 116 36.14 -23.32 19.09
C TRP E 116 36.96 -24.51 19.55
N SER E 117 37.48 -25.25 18.57
CA SER E 117 38.31 -26.41 18.82
C SER E 117 39.71 -26.09 18.31
N LYS E 118 40.72 -26.33 19.15
CA LYS E 118 42.09 -26.07 18.72
C LYS E 118 42.56 -27.30 17.95
N LYS E 119 42.52 -27.21 16.63
CA LYS E 119 42.90 -28.33 15.79
C LYS E 119 44.23 -28.15 15.10
N GLN E 120 45.26 -28.78 15.66
CA GLN E 120 46.62 -28.75 15.14
C GLN E 120 47.20 -27.36 15.30
N GLY E 121 47.07 -26.82 16.51
CA GLY E 121 47.63 -25.52 16.80
C GLY E 121 46.67 -24.36 16.59
N ARG E 122 46.09 -24.28 15.40
CA ARG E 122 45.16 -23.20 15.09
C ARG E 122 43.71 -23.44 15.52
N TRP E 123 43.10 -22.38 16.03
CA TRP E 123 41.72 -22.40 16.50
C TRP E 123 40.74 -22.39 15.34
N VAL E 124 39.68 -23.16 15.47
CA VAL E 124 38.68 -23.24 14.42
C VAL E 124 37.28 -23.34 15.03
N CYS E 125 36.29 -22.84 14.29
CA CYS E 125 34.90 -22.84 14.73
C CYS E 125 34.19 -24.11 14.23
N VAL E 126 33.69 -24.90 15.17
CA VAL E 126 32.99 -26.16 14.86
C VAL E 126 31.46 -26.00 14.84
N HIS E 127 30.96 -25.04 15.60
CA HIS E 127 29.53 -24.81 15.68
C HIS E 127 29.18 -23.37 16.00
N VAL E 128 28.25 -22.82 15.25
CA VAL E 128 27.79 -21.47 15.49
C VAL E 128 26.27 -21.43 15.66
N HIS E 129 25.80 -20.50 16.49
CA HIS E 129 24.37 -20.33 16.74
C HIS E 129 24.04 -18.83 16.80
N ARG E 130 23.22 -18.40 15.84
CA ARG E 130 22.80 -17.00 15.76
C ARG E 130 21.29 -16.89 15.96
N SER E 131 20.82 -15.79 16.53
CA SER E 131 19.39 -15.65 16.72
C SER E 131 18.85 -14.23 16.76
N THR E 132 17.56 -14.13 16.42
CA THR E 132 16.78 -12.91 16.36
C THR E 132 17.15 -12.08 15.14
N ASN F 4 25.19 -55.39 7.24
CA ASN F 4 24.50 -54.07 7.30
C ASN F 4 25.17 -53.03 6.41
N ASP F 5 26.50 -53.04 6.34
CA ASP F 5 27.23 -52.08 5.52
C ASP F 5 26.69 -52.11 4.10
N SER F 6 26.08 -53.23 3.73
CA SER F 6 25.48 -53.39 2.41
C SER F 6 24.29 -52.43 2.38
N GLU F 7 23.57 -52.38 3.49
CA GLU F 7 22.41 -51.51 3.65
C GLU F 7 22.87 -50.05 3.72
N LYS F 8 24.00 -49.81 4.39
CA LYS F 8 24.56 -48.46 4.52
C LYS F 8 24.94 -47.87 3.18
N ALA F 9 25.40 -48.73 2.27
CA ALA F 9 25.79 -48.29 0.95
C ALA F 9 24.58 -48.13 0.04
N GLN F 10 23.54 -48.91 0.31
CA GLN F 10 22.34 -48.79 -0.51
C GLN F 10 21.68 -47.48 -0.20
N LYS F 11 21.75 -47.06 1.06
CA LYS F 11 21.18 -45.78 1.46
C LYS F 11 21.97 -44.68 0.78
N GLN F 12 23.28 -44.87 0.64
CA GLN F 12 24.12 -43.87 -0.02
C GLN F 12 23.73 -43.78 -1.50
N ASP F 13 23.45 -44.92 -2.11
CA ASP F 13 23.07 -44.92 -3.52
C ASP F 13 21.81 -44.12 -3.71
N ILE F 14 20.89 -44.24 -2.76
CA ILE F 14 19.65 -43.50 -2.83
C ILE F 14 19.91 -42.00 -2.66
N VAL F 15 20.73 -41.61 -1.69
CA VAL F 15 21.03 -40.18 -1.51
C VAL F 15 21.72 -39.61 -2.76
N ARG F 16 22.50 -40.44 -3.43
CA ARG F 16 23.19 -39.98 -4.63
C ARG F 16 22.24 -39.76 -5.78
N VAL F 17 21.38 -40.73 -6.09
CA VAL F 17 20.45 -40.51 -7.21
C VAL F 17 19.48 -39.35 -6.99
N THR F 18 19.00 -39.18 -5.76
CA THR F 18 18.09 -38.09 -5.49
C THR F 18 18.82 -36.74 -5.56
N GLN F 19 20.12 -36.74 -5.26
CA GLN F 19 20.90 -35.50 -5.34
C GLN F 19 21.09 -35.13 -6.81
N THR F 20 21.22 -36.15 -7.67
CA THR F 20 21.37 -35.95 -9.11
C THR F 20 20.06 -35.42 -9.67
N LEU F 21 18.96 -35.96 -9.17
CA LEU F 21 17.65 -35.53 -9.62
C LEU F 21 17.46 -34.07 -9.24
N LEU F 22 17.97 -33.66 -8.08
CA LEU F 22 17.84 -32.27 -7.67
C LEU F 22 18.68 -31.40 -8.58
N ASP F 23 19.85 -31.89 -8.95
CA ASP F 23 20.71 -31.13 -9.83
C ASP F 23 20.02 -30.98 -11.20
N ALA F 24 19.43 -32.06 -11.69
CA ALA F 24 18.75 -32.03 -12.99
C ALA F 24 17.72 -30.90 -12.95
N ILE F 25 16.90 -30.88 -11.90
CA ILE F 25 15.91 -29.85 -11.75
C ILE F 25 16.55 -28.46 -11.66
N SER F 26 17.56 -28.33 -10.80
CA SER F 26 18.24 -27.06 -10.60
C SER F 26 18.73 -26.39 -11.87
N CYS F 27 19.29 -27.15 -12.80
CA CYS F 27 19.77 -26.55 -14.03
C CYS F 27 18.89 -26.86 -15.24
N LYS F 28 17.70 -27.37 -14.96
CA LYS F 28 16.73 -27.69 -15.99
C LYS F 28 17.13 -28.72 -17.04
N ASP F 29 17.90 -29.72 -16.64
CA ASP F 29 18.33 -30.78 -17.54
C ASP F 29 17.19 -31.81 -17.56
N PHE F 30 16.29 -31.65 -18.53
CA PHE F 30 15.13 -32.53 -18.65
C PHE F 30 15.41 -33.97 -19.03
N GLU F 31 16.51 -34.22 -19.72
CA GLU F 31 16.83 -35.58 -20.09
C GLU F 31 17.15 -36.39 -18.86
N THR F 32 18.01 -35.86 -17.99
CA THR F 32 18.35 -36.56 -16.78
C THR F 32 17.08 -36.71 -15.98
N TYR F 33 16.26 -35.65 -15.95
CA TYR F 33 15.01 -35.69 -15.20
C TYR F 33 14.14 -36.86 -15.64
N THR F 34 14.01 -37.01 -16.96
CA THR F 34 13.19 -38.09 -17.49
C THR F 34 13.84 -39.44 -17.22
N ARG F 35 15.15 -39.51 -17.34
CA ARG F 35 15.82 -40.77 -17.09
C ARG F 35 15.52 -41.25 -15.67
N LEU F 36 15.71 -40.36 -14.69
CA LEU F 36 15.52 -40.70 -13.29
C LEU F 36 14.08 -40.80 -12.76
N CYS F 37 13.13 -40.19 -13.45
CA CYS F 37 11.73 -40.28 -13.03
C CYS F 37 10.99 -41.33 -13.87
N ASP F 38 10.13 -42.13 -13.24
CA ASP F 38 9.38 -43.14 -13.99
C ASP F 38 8.25 -42.45 -14.76
N THR F 39 7.76 -43.12 -15.81
CA THR F 39 6.70 -42.58 -16.65
C THR F 39 5.42 -42.48 -15.86
N SER F 40 5.26 -43.40 -14.91
CA SER F 40 4.06 -43.44 -14.10
C SER F 40 4.12 -42.59 -12.85
N MET F 41 5.29 -42.00 -12.58
CA MET F 41 5.49 -41.17 -11.40
C MET F 41 4.30 -40.28 -11.02
N THR F 42 3.86 -40.41 -9.77
CA THR F 42 2.77 -39.59 -9.26
C THR F 42 3.38 -38.46 -8.40
N CYS F 43 2.62 -37.40 -8.13
CA CYS F 43 3.20 -36.31 -7.36
C CYS F 43 2.20 -35.33 -6.69
N PHE F 44 2.55 -34.96 -5.46
CA PHE F 44 1.84 -34.00 -4.64
C PHE F 44 2.83 -32.88 -4.47
N GLU F 45 2.46 -31.65 -4.79
CA GLU F 45 3.39 -30.53 -4.65
C GLU F 45 2.67 -29.20 -4.89
N PRO F 46 3.15 -28.11 -4.27
CA PRO F 46 2.54 -26.77 -4.43
C PRO F 46 2.09 -26.40 -5.85
N GLU F 47 2.94 -26.59 -6.83
CA GLU F 47 2.58 -26.26 -8.21
C GLU F 47 1.42 -27.10 -8.74
N ALA F 48 0.88 -27.99 -7.91
CA ALA F 48 -0.21 -28.87 -8.33
C ALA F 48 -1.48 -28.67 -7.50
N LEU F 49 -1.45 -27.70 -6.60
CA LEU F 49 -2.60 -27.37 -5.76
C LEU F 49 -3.39 -28.58 -5.24
N GLY F 50 -2.85 -29.31 -4.27
CA GLY F 50 -3.59 -30.44 -3.73
C GLY F 50 -4.01 -31.54 -4.69
N ASN F 51 -3.68 -31.40 -5.97
CA ASN F 51 -4.04 -32.45 -6.93
C ASN F 51 -2.89 -33.43 -7.08
N LEU F 52 -3.20 -34.70 -7.28
CA LEU F 52 -2.14 -35.67 -7.49
C LEU F 52 -1.86 -35.61 -8.99
N ILE F 53 -0.59 -35.59 -9.37
CA ILE F 53 -0.26 -35.53 -10.78
C ILE F 53 0.26 -36.88 -11.24
N GLU F 54 0.08 -37.18 -12.53
CA GLU F 54 0.57 -38.44 -13.09
C GLU F 54 1.29 -38.12 -14.37
N GLY F 55 2.35 -38.89 -14.67
CA GLY F 55 3.11 -38.66 -15.86
C GLY F 55 4.12 -37.54 -15.68
N ILE F 56 5.17 -37.58 -16.50
CA ILE F 56 6.26 -36.60 -16.47
C ILE F 56 5.88 -35.30 -17.17
N GLU F 57 4.93 -35.41 -18.09
CA GLU F 57 4.45 -34.26 -18.86
C GLU F 57 4.27 -32.96 -18.07
N PHE F 58 3.38 -32.96 -17.09
CA PHE F 58 3.11 -31.77 -16.28
C PHE F 58 4.34 -31.03 -15.79
N HIS F 59 5.42 -31.75 -15.53
CA HIS F 59 6.66 -31.14 -15.04
C HIS F 59 7.46 -30.42 -16.10
N ARG F 60 7.35 -30.88 -17.34
CA ARG F 60 8.07 -30.29 -18.45
C ARG F 60 8.07 -28.75 -18.41
N PHE F 61 6.91 -28.17 -18.13
CA PHE F 61 6.74 -26.72 -18.06
C PHE F 61 7.86 -25.98 -17.31
N TYR F 62 8.27 -26.49 -16.15
CA TYR F 62 9.31 -25.82 -15.37
C TYR F 62 10.71 -25.96 -15.95
N PHE F 63 10.84 -26.72 -17.04
CA PHE F 63 12.14 -26.90 -17.68
C PHE F 63 12.30 -26.01 -18.90
N ASP F 64 11.81 -24.77 -18.82
CA ASP F 64 11.92 -23.84 -19.92
C ASP F 64 13.06 -22.83 -19.73
N GLY F 65 13.97 -22.80 -20.70
CA GLY F 65 15.11 -21.89 -20.71
C GLY F 65 15.80 -21.59 -19.40
N ASN F 66 16.01 -20.31 -19.12
CA ASN F 66 16.67 -19.81 -17.90
C ASN F 66 17.38 -20.82 -17.02
N ARG F 67 18.28 -21.63 -17.59
CA ARG F 67 19.01 -22.65 -16.84
C ARG F 67 18.87 -22.51 -15.32
N LYS F 68 19.94 -22.10 -14.64
CA LYS F 68 19.88 -21.92 -13.20
C LYS F 68 19.38 -20.50 -13.01
N ASN F 69 19.58 -19.92 -11.85
CA ASN F 69 19.13 -18.54 -11.61
C ASN F 69 19.90 -17.94 -10.45
N GLN F 70 21.14 -18.38 -10.28
CA GLN F 70 21.94 -17.88 -9.19
C GLN F 70 21.25 -18.33 -7.91
N VAL F 71 20.54 -19.45 -8.01
CA VAL F 71 19.81 -20.01 -6.89
C VAL F 71 20.47 -21.32 -6.45
N HIS F 72 20.63 -21.48 -5.14
CA HIS F 72 21.26 -22.68 -4.58
C HIS F 72 20.27 -23.50 -3.76
N THR F 73 20.15 -24.79 -4.10
CA THR F 73 19.26 -25.69 -3.38
C THR F 73 20.11 -26.65 -2.55
N THR F 74 19.73 -26.82 -1.29
CA THR F 74 20.47 -27.68 -0.38
C THR F 74 19.62 -28.84 0.15
N MET F 75 20.21 -30.03 0.25
CA MET F 75 19.49 -31.19 0.77
C MET F 75 20.02 -31.52 2.16
N LEU F 76 19.27 -31.18 3.19
CA LEU F 76 19.70 -31.47 4.55
C LEU F 76 19.48 -32.95 4.92
N ASN F 77 20.11 -33.37 6.02
CA ASN F 77 20.06 -34.74 6.57
C ASN F 77 19.03 -35.72 5.99
N PRO F 78 19.33 -36.32 4.82
CA PRO F 78 18.42 -37.27 4.17
C PRO F 78 18.20 -38.56 4.94
N ASN F 79 16.95 -38.85 5.29
CA ASN F 79 16.61 -40.09 6.01
C ASN F 79 16.15 -41.11 4.96
N VAL F 80 16.79 -42.28 4.93
CA VAL F 80 16.41 -43.29 3.96
C VAL F 80 15.91 -44.58 4.60
N HIS F 81 14.95 -45.21 3.94
CA HIS F 81 14.37 -46.48 4.38
C HIS F 81 14.66 -47.47 3.25
N ILE F 82 15.17 -48.64 3.62
CA ILE F 82 15.50 -49.68 2.65
C ILE F 82 14.49 -50.82 2.78
N ILE F 83 13.63 -50.96 1.77
CA ILE F 83 12.63 -52.03 1.78
C ILE F 83 13.02 -53.12 0.80
N GLY F 84 14.03 -53.91 1.16
CA GLY F 84 14.46 -54.95 0.24
C GLY F 84 15.48 -54.39 -0.73
N GLU F 85 15.84 -55.18 -1.73
CA GLU F 85 16.85 -54.74 -2.68
C GLU F 85 16.41 -53.94 -3.90
N ASP F 86 15.13 -53.62 -3.99
CA ASP F 86 14.68 -52.86 -5.15
C ASP F 86 13.69 -51.76 -4.85
N ALA F 87 13.54 -51.43 -3.57
CA ALA F 87 12.62 -50.38 -3.15
C ALA F 87 13.24 -49.56 -2.03
N ALA F 88 12.94 -48.27 -2.03
CA ALA F 88 13.46 -47.34 -1.04
C ALA F 88 12.67 -46.05 -1.08
N CYS F 89 12.67 -45.32 0.03
CA CYS F 89 12.00 -44.04 0.09
C CYS F 89 12.94 -43.15 0.89
N VAL F 90 13.09 -41.90 0.45
CA VAL F 90 13.98 -40.96 1.11
C VAL F 90 13.21 -39.71 1.54
N ALA F 91 13.55 -39.20 2.71
CA ALA F 91 12.90 -38.02 3.24
C ALA F 91 14.01 -37.05 3.59
N TYR F 92 13.84 -35.80 3.18
CA TYR F 92 14.84 -34.78 3.47
C TYR F 92 14.21 -33.39 3.42
N VAL F 93 14.83 -32.43 4.11
CA VAL F 93 14.34 -31.07 4.07
C VAL F 93 15.14 -30.41 2.96
N LYS F 94 14.51 -29.55 2.16
CA LYS F 94 15.27 -28.90 1.09
C LYS F 94 15.29 -27.38 1.24
N LEU F 95 16.49 -26.83 1.33
CA LEU F 95 16.65 -25.38 1.45
C LEU F 95 16.98 -24.75 0.10
N THR F 96 16.50 -23.52 -0.11
CA THR F 96 16.76 -22.81 -1.35
C THR F 96 17.01 -21.33 -1.09
N GLN F 97 18.25 -20.91 -1.29
CA GLN F 97 18.64 -19.52 -1.12
C GLN F 97 18.56 -18.92 -2.52
N PHE F 98 17.76 -17.87 -2.68
CA PHE F 98 17.61 -17.24 -3.98
C PHE F 98 17.84 -15.74 -3.92
N LEU F 99 18.39 -15.20 -5.01
CA LEU F 99 18.63 -13.77 -5.11
C LEU F 99 17.44 -13.21 -5.86
N ASP F 100 16.77 -12.23 -5.29
CA ASP F 100 15.63 -11.66 -5.98
C ASP F 100 16.06 -10.41 -6.70
N ARG F 101 15.28 -9.37 -6.42
CA ARG F 101 15.55 -8.08 -6.94
C ARG F 101 16.34 -7.35 -5.86
N ASN F 102 16.89 -6.17 -6.15
CA ASN F 102 17.60 -5.45 -5.10
C ASN F 102 18.80 -6.25 -4.56
N GLY F 103 18.98 -7.47 -5.07
CA GLY F 103 20.07 -8.33 -4.64
C GLY F 103 19.91 -8.78 -3.19
N GLU F 104 18.67 -9.08 -2.84
CA GLU F 104 18.33 -9.52 -1.48
C GLU F 104 18.35 -11.04 -1.34
N ALA F 105 19.05 -11.52 -0.33
CA ALA F 105 19.17 -12.96 -0.07
C ALA F 105 18.07 -13.49 0.85
N HIS F 106 17.34 -14.49 0.36
CA HIS F 106 16.26 -15.11 1.12
C HIS F 106 16.33 -16.63 1.05
N THR F 107 15.64 -17.28 1.99
CA THR F 107 15.62 -18.73 2.04
C THR F 107 14.20 -19.30 2.05
N ARG F 108 13.94 -20.21 1.13
CA ARG F 108 12.67 -20.89 0.99
C ARG F 108 12.89 -22.32 1.50
N GLN F 109 11.88 -22.90 2.15
CA GLN F 109 12.00 -24.25 2.69
C GLN F 109 10.87 -25.16 2.23
N SER F 110 11.14 -26.46 2.18
CA SER F 110 10.12 -27.43 1.81
C SER F 110 10.54 -28.85 2.22
N GLN F 111 9.57 -29.68 2.58
CA GLN F 111 9.86 -31.06 2.98
C GLN F 111 9.53 -31.98 1.80
N GLU F 112 10.48 -32.82 1.42
CA GLU F 112 10.26 -33.73 0.31
C GLU F 112 10.40 -35.20 0.68
N SER F 113 9.73 -36.04 -0.09
CA SER F 113 9.74 -37.49 0.06
C SER F 113 9.80 -38.04 -1.36
N ARG F 114 10.68 -39.01 -1.60
CA ARG F 114 10.77 -39.61 -2.92
C ARG F 114 10.81 -41.11 -2.81
N VAL F 115 9.96 -41.78 -3.57
CA VAL F 115 9.92 -43.22 -3.56
C VAL F 115 10.72 -43.73 -4.74
N TRP F 116 11.62 -44.66 -4.47
CA TRP F 116 12.46 -45.23 -5.50
C TRP F 116 12.21 -46.69 -5.74
N SER F 117 12.06 -47.02 -7.02
CA SER F 117 11.83 -48.38 -7.47
C SER F 117 13.01 -48.68 -8.36
N LYS F 118 13.62 -49.85 -8.16
CA LYS F 118 14.77 -50.24 -8.97
C LYS F 118 14.30 -51.14 -10.11
N LYS F 119 14.29 -50.60 -11.31
CA LYS F 119 13.84 -51.35 -12.46
C LYS F 119 14.94 -51.68 -13.44
N GLN F 120 14.96 -52.93 -13.89
CA GLN F 120 15.97 -53.39 -14.83
C GLN F 120 17.33 -52.79 -14.51
N GLY F 121 17.74 -52.98 -13.25
CA GLY F 121 19.04 -52.50 -12.79
C GLY F 121 19.13 -51.07 -12.33
N ARG F 122 18.29 -50.18 -12.87
CA ARG F 122 18.36 -48.76 -12.53
C ARG F 122 17.21 -48.18 -11.71
N TRP F 123 17.59 -47.39 -10.70
CA TRP F 123 16.65 -46.72 -9.82
C TRP F 123 15.82 -45.64 -10.52
N VAL F 124 14.51 -45.64 -10.29
CA VAL F 124 13.66 -44.61 -10.85
C VAL F 124 12.67 -44.16 -9.79
N CYS F 125 12.31 -42.89 -9.83
CA CYS F 125 11.37 -42.32 -8.89
C CYS F 125 9.93 -42.54 -9.34
N VAL F 126 9.18 -43.32 -8.55
CA VAL F 126 7.79 -43.61 -8.86
C VAL F 126 6.83 -42.68 -8.11
N HIS F 127 7.32 -41.94 -7.11
CA HIS F 127 6.45 -41.01 -6.39
C HIS F 127 7.19 -39.92 -5.62
N VAL F 128 6.64 -38.71 -5.65
CA VAL F 128 7.22 -37.56 -4.96
C VAL F 128 6.14 -36.75 -4.27
N HIS F 129 6.40 -36.35 -3.02
CA HIS F 129 5.46 -35.54 -2.23
C HIS F 129 6.25 -34.38 -1.62
N ARG F 130 5.80 -33.16 -1.90
CA ARG F 130 6.46 -31.95 -1.41
C ARG F 130 5.48 -30.98 -0.74
N SER F 131 5.87 -30.38 0.37
CA SER F 131 5.00 -29.43 1.05
C SER F 131 5.70 -28.19 1.59
N THR F 132 4.88 -27.22 2.00
CA THR F 132 5.26 -25.93 2.57
C THR F 132 6.05 -25.00 1.65
N ASN G 4 -18.28 -54.48 -20.99
CA ASN G 4 -17.37 -53.45 -20.38
C ASN G 4 -16.25 -53.05 -21.32
N ASP G 5 -15.90 -53.92 -22.26
CA ASP G 5 -14.85 -53.61 -23.22
C ASP G 5 -15.42 -52.63 -24.25
N SER G 6 -16.74 -52.53 -24.27
CA SER G 6 -17.42 -51.61 -25.17
C SER G 6 -17.67 -50.34 -24.36
N GLU G 7 -17.84 -50.50 -23.05
CA GLU G 7 -18.07 -49.38 -22.15
C GLU G 7 -16.73 -48.66 -21.94
N LYS G 8 -15.67 -49.44 -21.84
CA LYS G 8 -14.33 -48.91 -21.66
C LYS G 8 -13.88 -48.22 -22.95
N ALA G 9 -14.56 -48.55 -24.05
CA ALA G 9 -14.24 -47.98 -25.35
C ALA G 9 -14.92 -46.64 -25.52
N GLN G 10 -16.20 -46.59 -25.19
CA GLN G 10 -16.97 -45.36 -25.30
C GLN G 10 -16.36 -44.34 -24.37
N LYS G 11 -15.82 -44.79 -23.25
CA LYS G 11 -15.22 -43.87 -22.30
C LYS G 11 -13.92 -43.25 -22.78
N GLN G 12 -13.17 -43.95 -23.62
CA GLN G 12 -11.94 -43.40 -24.15
C GLN G 12 -12.36 -42.35 -25.18
N ASP G 13 -13.34 -42.71 -25.99
CA ASP G 13 -13.83 -41.80 -27.01
C ASP G 13 -14.28 -40.49 -26.42
N ILE G 14 -14.91 -40.56 -25.27
CA ILE G 14 -15.41 -39.34 -24.63
C ILE G 14 -14.27 -38.56 -24.07
N VAL G 15 -13.22 -39.24 -23.60
CA VAL G 15 -12.07 -38.54 -23.06
C VAL G 15 -11.32 -37.90 -24.21
N ARG G 16 -11.21 -38.60 -25.33
CA ARG G 16 -10.50 -38.03 -26.46
C ARG G 16 -11.17 -36.77 -26.99
N VAL G 17 -12.44 -36.86 -27.40
CA VAL G 17 -13.13 -35.68 -27.92
C VAL G 17 -13.01 -34.50 -26.96
N THR G 18 -13.18 -34.75 -25.66
CA THR G 18 -13.05 -33.65 -24.74
C THR G 18 -11.61 -33.15 -24.68
N GLN G 19 -10.66 -34.01 -25.04
CA GLN G 19 -9.27 -33.56 -25.04
C GLN G 19 -9.14 -32.67 -26.25
N THR G 20 -9.74 -33.10 -27.37
CA THR G 20 -9.69 -32.31 -28.59
C THR G 20 -10.34 -30.95 -28.33
N LEU G 21 -11.49 -30.95 -27.67
CA LEU G 21 -12.19 -29.71 -27.36
C LEU G 21 -11.36 -28.72 -26.54
N LEU G 22 -10.65 -29.20 -25.52
CA LEU G 22 -9.82 -28.34 -24.69
C LEU G 22 -8.62 -27.84 -25.50
N ASP G 23 -8.03 -28.71 -26.31
CA ASP G 23 -6.91 -28.30 -27.16
C ASP G 23 -7.37 -27.11 -28.01
N ALA G 24 -8.60 -27.21 -28.55
CA ALA G 24 -9.15 -26.14 -29.38
C ALA G 24 -9.27 -24.84 -28.60
N ILE G 25 -9.69 -24.94 -27.33
CA ILE G 25 -9.82 -23.75 -26.51
C ILE G 25 -8.46 -23.09 -26.23
N SER G 26 -7.44 -23.90 -26.00
CA SER G 26 -6.10 -23.38 -25.72
C SER G 26 -5.57 -22.58 -26.89
N CYS G 27 -5.58 -23.20 -28.07
CA CYS G 27 -5.07 -22.54 -29.27
C CYS G 27 -6.14 -21.75 -30.02
N LYS G 28 -7.12 -21.24 -29.28
CA LYS G 28 -8.23 -20.45 -29.82
C LYS G 28 -8.76 -20.87 -31.19
N ASP G 29 -8.87 -22.17 -31.39
CA ASP G 29 -9.37 -22.74 -32.63
C ASP G 29 -10.91 -22.79 -32.60
N PHE G 30 -11.54 -21.64 -32.78
CA PHE G 30 -12.99 -21.51 -32.77
C PHE G 30 -13.73 -22.43 -33.73
N GLU G 31 -13.09 -22.78 -34.85
CA GLU G 31 -13.75 -23.64 -35.81
C GLU G 31 -13.96 -25.03 -35.21
N THR G 32 -12.95 -25.55 -34.53
CA THR G 32 -13.06 -26.87 -33.93
C THR G 32 -14.00 -26.84 -32.74
N TYR G 33 -13.99 -25.72 -32.02
CA TYR G 33 -14.85 -25.50 -30.86
C TYR G 33 -16.31 -25.68 -31.29
N THR G 34 -16.73 -24.89 -32.26
CA THR G 34 -18.10 -24.94 -32.78
C THR G 34 -18.45 -26.30 -33.34
N ARG G 35 -17.52 -26.93 -34.03
CA ARG G 35 -17.80 -28.23 -34.60
C ARG G 35 -18.09 -29.26 -33.50
N LEU G 36 -17.49 -29.05 -32.34
CA LEU G 36 -17.67 -29.98 -31.23
C LEU G 36 -18.72 -29.56 -30.20
N CYS G 37 -19.18 -28.32 -30.29
CA CYS G 37 -20.21 -27.85 -29.38
C CYS G 37 -21.54 -27.65 -30.07
N ASP G 38 -22.59 -28.17 -29.46
CA ASP G 38 -23.92 -28.05 -30.01
C ASP G 38 -24.40 -26.61 -29.99
N THR G 39 -25.07 -26.21 -31.06
CA THR G 39 -25.58 -24.85 -31.18
C THR G 39 -26.49 -24.45 -30.01
N SER G 40 -26.96 -25.43 -29.25
CA SER G 40 -27.83 -25.15 -28.13
C SER G 40 -27.14 -25.46 -26.80
N MET G 41 -25.82 -25.52 -26.81
CA MET G 41 -25.05 -25.82 -25.61
C MET G 41 -25.38 -24.86 -24.46
N THR G 42 -25.58 -25.44 -23.27
CA THR G 42 -25.85 -24.68 -22.06
C THR G 42 -24.53 -24.36 -21.38
N CYS G 43 -24.50 -23.31 -20.56
CA CYS G 43 -23.24 -22.99 -19.88
C CYS G 43 -23.33 -22.32 -18.50
N PHE G 44 -22.48 -22.82 -17.61
CA PHE G 44 -22.30 -22.35 -16.25
C PHE G 44 -20.82 -22.19 -16.11
N GLU G 45 -20.34 -20.96 -15.89
CA GLU G 45 -18.90 -20.74 -15.75
C GLU G 45 -18.67 -19.36 -15.16
N PRO G 46 -17.50 -19.12 -14.57
CA PRO G 46 -17.15 -17.82 -13.97
C PRO G 46 -17.44 -16.60 -14.85
N GLU G 47 -16.98 -16.65 -16.09
CA GLU G 47 -17.19 -15.53 -17.01
C GLU G 47 -18.66 -15.20 -17.22
N ALA G 48 -19.57 -16.10 -16.84
CA ALA G 48 -20.99 -15.83 -16.99
C ALA G 48 -21.54 -15.30 -15.67
N LEU G 49 -20.64 -15.06 -14.72
CA LEU G 49 -20.98 -14.52 -13.42
C LEU G 49 -22.25 -15.08 -12.77
N GLY G 50 -22.43 -16.38 -12.81
CA GLY G 50 -23.64 -16.90 -12.19
C GLY G 50 -24.81 -17.06 -13.15
N ASN G 51 -24.71 -16.53 -14.35
CA ASN G 51 -25.80 -16.67 -15.33
C ASN G 51 -25.64 -17.94 -16.13
N LEU G 52 -26.76 -18.55 -16.52
CA LEU G 52 -26.75 -19.76 -17.32
C LEU G 52 -26.68 -19.32 -18.78
N ILE G 53 -25.52 -19.47 -19.41
CA ILE G 53 -25.43 -19.03 -20.79
C ILE G 53 -25.91 -20.10 -21.75
N GLU G 54 -26.47 -19.66 -22.87
CA GLU G 54 -26.98 -20.57 -23.87
C GLU G 54 -26.48 -20.18 -25.24
N GLY G 55 -26.07 -21.17 -26.03
CA GLY G 55 -25.55 -20.89 -27.36
C GLY G 55 -24.04 -20.72 -27.40
N ILE G 56 -23.50 -20.64 -28.61
CA ILE G 56 -22.06 -20.50 -28.80
C ILE G 56 -21.60 -19.06 -28.87
N GLU G 57 -22.48 -18.14 -29.28
CA GLU G 57 -22.09 -16.74 -29.38
C GLU G 57 -21.28 -16.18 -28.21
N PHE G 58 -21.76 -16.38 -26.99
CA PHE G 58 -21.11 -15.86 -25.80
C PHE G 58 -19.61 -16.18 -25.71
N HIS G 59 -19.22 -17.31 -26.27
CA HIS G 59 -17.84 -17.71 -26.19
C HIS G 59 -16.95 -17.11 -27.27
N ARG G 60 -17.53 -16.53 -28.32
CA ARG G 60 -16.71 -15.93 -29.40
C ARG G 60 -15.68 -14.94 -28.85
N PHE G 61 -16.14 -14.04 -27.99
CA PHE G 61 -15.30 -13.03 -27.35
C PHE G 61 -13.92 -13.56 -26.96
N TYR G 62 -13.90 -14.71 -26.28
CA TYR G 62 -12.66 -15.31 -25.81
C TYR G 62 -11.75 -15.94 -26.87
N PHE G 63 -12.29 -16.21 -28.05
CA PHE G 63 -11.45 -16.80 -29.08
C PHE G 63 -10.67 -15.78 -29.87
N ASP G 64 -10.98 -14.50 -29.65
CA ASP G 64 -10.27 -13.41 -30.30
C ASP G 64 -9.00 -13.10 -29.48
N GLY G 65 -7.85 -13.04 -30.15
CA GLY G 65 -6.65 -12.70 -29.41
C GLY G 65 -5.35 -13.33 -29.92
N ASN G 66 -4.35 -13.40 -29.02
CA ASN G 66 -3.04 -13.95 -29.35
C ASN G 66 -2.95 -15.50 -29.22
N ARG G 67 -3.81 -16.24 -29.99
CA ARG G 67 -3.92 -17.73 -30.08
C ARG G 67 -3.47 -18.52 -28.86
N LYS G 68 -2.17 -18.75 -28.76
CA LYS G 68 -1.54 -19.46 -27.64
C LYS G 68 -0.69 -18.46 -26.86
N ASN G 69 -0.87 -18.41 -25.54
CA ASN G 69 -0.15 -17.46 -24.70
C ASN G 69 0.96 -18.08 -23.86
N GLN G 70 1.55 -19.19 -24.32
CA GLN G 70 2.62 -19.85 -23.57
C GLN G 70 2.02 -20.39 -22.26
N VAL G 71 0.88 -21.08 -22.40
CA VAL G 71 0.14 -21.63 -21.27
C VAL G 71 -0.28 -23.08 -21.53
N HIS G 72 0.05 -23.98 -20.60
CA HIS G 72 -0.32 -25.38 -20.74
C HIS G 72 -1.46 -25.76 -19.80
N THR G 73 -2.39 -26.58 -20.32
CA THR G 73 -3.53 -27.03 -19.54
C THR G 73 -3.59 -28.55 -19.54
N THR G 74 -3.86 -29.12 -18.37
CA THR G 74 -3.95 -30.57 -18.29
C THR G 74 -5.26 -30.97 -17.64
N MET G 75 -5.83 -32.05 -18.17
CA MET G 75 -7.07 -32.60 -17.69
C MET G 75 -6.72 -33.81 -16.82
N LEU G 76 -6.88 -33.66 -15.51
CA LEU G 76 -6.55 -34.75 -14.57
C LEU G 76 -7.63 -35.82 -14.52
N ASN G 77 -7.28 -36.97 -13.93
CA ASN G 77 -8.15 -38.12 -13.76
C ASN G 77 -9.60 -37.95 -14.22
N PRO G 78 -9.86 -38.09 -15.52
CA PRO G 78 -11.22 -37.94 -16.03
C PRO G 78 -12.11 -39.08 -15.59
N ASN G 79 -13.35 -38.75 -15.22
CA ASN G 79 -14.34 -39.73 -14.81
C ASN G 79 -15.47 -39.60 -15.80
N VAL G 80 -15.86 -40.70 -16.43
CA VAL G 80 -16.93 -40.67 -17.41
C VAL G 80 -18.12 -41.51 -16.98
N HIS G 81 -19.29 -41.08 -17.41
CA HIS G 81 -20.52 -41.80 -17.13
C HIS G 81 -21.10 -42.15 -18.48
N ILE G 82 -21.40 -43.42 -18.68
CA ILE G 82 -22.01 -43.81 -19.94
C ILE G 82 -23.50 -44.00 -19.67
N ILE G 83 -24.32 -43.30 -20.44
CA ILE G 83 -25.76 -43.42 -20.33
C ILE G 83 -26.21 -43.79 -21.73
N GLY G 84 -26.28 -45.09 -22.00
CA GLY G 84 -26.68 -45.51 -23.32
C GLY G 84 -25.50 -45.36 -24.27
N GLU G 85 -25.65 -45.90 -25.47
CA GLU G 85 -24.60 -45.86 -26.49
C GLU G 85 -24.50 -44.51 -27.20
N ASP G 86 -25.35 -43.55 -26.82
CA ASP G 86 -25.34 -42.22 -27.44
C ASP G 86 -25.31 -41.00 -26.53
N ALA G 87 -25.02 -41.20 -25.24
CA ALA G 87 -24.97 -40.09 -24.30
C ALA G 87 -23.96 -40.40 -23.22
N ALA G 88 -23.26 -39.38 -22.75
CA ALA G 88 -22.27 -39.56 -21.69
C ALA G 88 -21.96 -38.21 -21.08
N CYS G 89 -21.32 -38.24 -19.91
CA CYS G 89 -20.92 -37.01 -19.25
C CYS G 89 -19.60 -37.36 -18.61
N VAL G 90 -18.71 -36.38 -18.55
CA VAL G 90 -17.39 -36.58 -17.98
C VAL G 90 -17.07 -35.44 -17.02
N ALA G 91 -16.39 -35.77 -15.92
CA ALA G 91 -16.02 -34.79 -14.92
C ALA G 91 -14.52 -34.80 -14.73
N TYR G 92 -13.95 -33.65 -14.39
CA TYR G 92 -12.51 -33.60 -14.22
C TYR G 92 -12.06 -32.22 -13.75
N VAL G 93 -10.86 -32.22 -13.20
CA VAL G 93 -10.19 -31.04 -12.70
C VAL G 93 -9.25 -30.67 -13.83
N LYS G 94 -9.25 -29.40 -14.20
CA LYS G 94 -8.41 -28.94 -15.30
C LYS G 94 -7.33 -28.04 -14.73
N LEU G 95 -6.08 -28.43 -14.95
CA LEU G 95 -4.98 -27.63 -14.43
C LEU G 95 -4.36 -26.72 -15.49
N THR G 96 -4.24 -25.45 -15.16
CA THR G 96 -3.67 -24.47 -16.06
C THR G 96 -2.40 -23.82 -15.49
N GLN G 97 -1.27 -24.06 -16.17
CA GLN G 97 0.02 -23.49 -15.76
C GLN G 97 0.31 -22.36 -16.75
N PHE G 98 0.66 -21.18 -16.23
CA PHE G 98 0.94 -20.02 -17.08
C PHE G 98 2.03 -19.15 -16.48
N LEU G 99 2.67 -18.32 -17.31
CA LEU G 99 3.72 -17.43 -16.80
C LEU G 99 3.22 -16.01 -16.62
N ASP G 100 4.08 -15.15 -16.07
CA ASP G 100 3.74 -13.75 -15.84
C ASP G 100 4.67 -12.83 -16.63
N ARG G 101 4.62 -11.54 -16.28
CA ARG G 101 5.47 -10.56 -16.92
C ARG G 101 6.86 -10.83 -16.39
N ASN G 102 6.97 -10.90 -15.07
CA ASN G 102 8.23 -11.17 -14.39
C ASN G 102 8.71 -12.59 -14.72
N GLY G 103 7.90 -13.35 -15.45
CA GLY G 103 8.26 -14.71 -15.81
C GLY G 103 8.07 -15.69 -14.68
N GLU G 104 7.10 -15.40 -13.81
CA GLU G 104 6.81 -16.22 -12.65
C GLU G 104 5.77 -17.30 -13.00
N ALA G 105 6.12 -18.56 -12.70
CA ALA G 105 5.22 -19.67 -13.00
C ALA G 105 4.10 -19.75 -11.96
N HIS G 106 2.89 -20.05 -12.44
CA HIS G 106 1.71 -20.17 -11.58
C HIS G 106 0.77 -21.23 -12.13
N THR G 107 -0.04 -21.80 -11.26
CA THR G 107 -1.00 -22.81 -11.66
C THR G 107 -2.42 -22.42 -11.24
N ARG G 108 -3.33 -22.44 -12.21
CA ARG G 108 -4.72 -22.11 -11.98
C ARG G 108 -5.48 -23.45 -11.98
N GLN G 109 -6.64 -23.49 -11.35
CA GLN G 109 -7.43 -24.72 -11.27
C GLN G 109 -8.95 -24.52 -11.32
N SER G 110 -9.62 -25.43 -11.99
CA SER G 110 -11.07 -25.37 -12.11
C SER G 110 -11.64 -26.79 -12.18
N GLN G 111 -12.92 -26.92 -11.89
CA GLN G 111 -13.59 -28.22 -11.97
C GLN G 111 -14.60 -28.17 -13.11
N GLU G 112 -14.48 -29.10 -14.04
CA GLU G 112 -15.35 -29.12 -15.20
C GLU G 112 -16.18 -30.37 -15.46
N SER G 113 -17.42 -30.15 -15.84
CA SER G 113 -18.32 -31.23 -16.18
C SER G 113 -18.80 -30.95 -17.58
N ARG G 114 -18.90 -31.99 -18.40
CA ARG G 114 -19.41 -31.81 -19.75
C ARG G 114 -20.33 -32.95 -20.11
N VAL G 115 -21.41 -32.62 -20.81
CA VAL G 115 -22.38 -33.63 -21.18
C VAL G 115 -22.25 -33.77 -22.68
N TRP G 116 -22.12 -35.00 -23.13
CA TRP G 116 -21.96 -35.30 -24.55
C TRP G 116 -23.12 -36.10 -25.15
N SER G 117 -23.55 -35.68 -26.34
CA SER G 117 -24.64 -36.31 -27.07
C SER G 117 -24.20 -36.74 -28.46
N LYS G 118 -24.50 -37.99 -28.81
CA LYS G 118 -24.13 -38.52 -30.12
C LYS G 118 -25.18 -38.14 -31.16
N LYS G 119 -24.85 -37.18 -32.00
CA LYS G 119 -25.78 -36.72 -33.02
C LYS G 119 -25.23 -37.01 -34.41
N GLN G 120 -25.91 -37.93 -35.10
CA GLN G 120 -25.54 -38.34 -36.44
C GLN G 120 -24.11 -38.88 -36.51
N GLY G 121 -23.70 -39.59 -35.48
CA GLY G 121 -22.36 -40.16 -35.47
C GLY G 121 -21.29 -39.38 -34.73
N ARG G 122 -21.39 -38.05 -34.73
CA ARG G 122 -20.40 -37.25 -34.03
C ARG G 122 -20.82 -36.86 -32.61
N TRP G 123 -19.83 -36.86 -31.73
CA TRP G 123 -20.05 -36.49 -30.33
C TRP G 123 -20.03 -34.97 -30.18
N VAL G 124 -21.12 -34.41 -29.65
CA VAL G 124 -21.17 -32.95 -29.43
C VAL G 124 -21.53 -32.67 -27.97
N CYS G 125 -20.93 -31.60 -27.45
CA CYS G 125 -21.10 -31.15 -26.07
C CYS G 125 -22.34 -30.30 -25.94
N VAL G 126 -23.33 -30.76 -25.19
CA VAL G 126 -24.56 -30.00 -25.03
C VAL G 126 -24.62 -29.17 -23.76
N HIS G 127 -23.77 -29.48 -22.79
CA HIS G 127 -23.75 -28.71 -21.55
C HIS G 127 -22.39 -28.74 -20.85
N VAL G 128 -21.92 -27.57 -20.47
CA VAL G 128 -20.64 -27.48 -19.77
C VAL G 128 -20.82 -26.76 -18.43
N HIS G 129 -20.04 -27.16 -17.42
CA HIS G 129 -20.11 -26.53 -16.11
C HIS G 129 -18.71 -26.43 -15.49
N ARG G 130 -18.27 -25.20 -15.27
CA ARG G 130 -16.94 -24.92 -14.74
C ARG G 130 -17.03 -24.10 -13.46
N SER G 131 -16.33 -24.52 -12.42
CA SER G 131 -16.35 -23.74 -11.19
C SER G 131 -14.96 -23.50 -10.61
N THR G 132 -14.92 -22.53 -9.70
CA THR G 132 -13.72 -22.06 -9.01
C THR G 132 -12.72 -21.59 -10.05
#